data_8PS0
#
_entry.id   8PS0
#
_cell.length_a   1.00
_cell.length_b   1.00
_cell.length_c   1.00
_cell.angle_alpha   90.00
_cell.angle_beta   90.00
_cell.angle_gamma   90.00
#
_symmetry.space_group_name_H-M   'P 1'
#
loop_
_entity.id
_entity.type
_entity.pdbx_description
1 polymer 'Na(+)/H(+) antiporter NhaA'
2 non-polymer CARDIOLIPIN
#
_entity_poly.entity_id   1
_entity_poly.type   'polypeptide(L)'
_entity_poly.pdbx_seq_one_letter_code
;MKHLHRFFSSDASGGIILIIAAILAMIMANSGATSGWYHDFLETPVQLRVGSLEINKNMLLWINDALMAVFFLLVGLEVK
RELMQGSLASLRQAAFPVIAAIGGMIVPTLLYLAFNYADPITREGWAIPAATDIAFALGVLALLGSRVPLALKIFLMALA
IIDDLGAIIIIALFYTNDLSMASLGVAAVAIAVLAVLNLCGARRTGVYILVGVVLWTAVLKSGVHATLAGVIVGFFIPLK
EKHGRSPAKRLEHVLHPWVAYLILPLFAFANAGVSLGGVTLDGLTSILPLGIIAGMLIGKPLGISLFCWLALRLKLAHLP
EGTTYQQIMVVGILCGIGFTMSIFIASLAFGSVDPELINWAKLGILVGSISSAVIGYSWLRVRLRPSVGSENLYFQ
;
_entity_poly.pdbx_strand_id   A,B
#
# COMPACT_ATOMS: atom_id res chain seq x y z
N ASP A 11 -12.74 -24.27 -0.94
CA ASP A 11 -13.73 -24.93 -0.10
C ASP A 11 -15.11 -24.30 -0.29
N ALA A 12 -15.27 -23.07 0.18
CA ALA A 12 -16.54 -22.36 0.03
C ALA A 12 -16.78 -22.02 -1.43
N SER A 13 -18.05 -22.06 -1.85
CA SER A 13 -18.42 -21.79 -3.24
C SER A 13 -18.44 -20.29 -3.46
N GLY A 14 -17.25 -19.72 -3.65
CA GLY A 14 -17.08 -18.31 -3.92
C GLY A 14 -17.09 -17.93 -5.38
N GLY A 15 -17.31 -18.89 -6.29
CA GLY A 15 -17.35 -18.58 -7.71
C GLY A 15 -18.63 -17.95 -8.18
N ILE A 16 -19.69 -18.02 -7.37
CA ILE A 16 -20.95 -17.38 -7.75
C ILE A 16 -20.78 -15.87 -7.83
N ILE A 17 -19.91 -15.31 -6.99
CA ILE A 17 -19.60 -13.89 -7.09
C ILE A 17 -18.93 -13.59 -8.43
N LEU A 18 -18.02 -14.46 -8.87
CA LEU A 18 -17.39 -14.27 -10.17
C LEU A 18 -18.42 -14.35 -11.29
N ILE A 19 -19.35 -15.29 -11.21
CA ILE A 19 -20.38 -15.42 -12.24
C ILE A 19 -21.26 -14.17 -12.27
N ILE A 20 -21.67 -13.68 -11.11
CA ILE A 20 -22.55 -12.51 -11.07
C ILE A 20 -21.81 -11.27 -11.57
N ALA A 21 -20.51 -11.16 -11.25
CA ALA A 21 -19.74 -10.04 -11.77
C ALA A 21 -19.61 -10.11 -13.28
N ALA A 22 -19.39 -11.32 -13.81
CA ALA A 22 -19.26 -11.47 -15.26
C ALA A 22 -20.55 -11.11 -15.98
N ILE A 23 -21.69 -11.59 -15.46
CA ILE A 23 -22.96 -11.29 -16.13
C ILE A 23 -23.30 -9.81 -15.98
N LEU A 24 -22.97 -9.21 -14.84
CA LEU A 24 -23.19 -7.78 -14.68
C LEU A 24 -22.36 -6.98 -15.67
N ALA A 25 -21.10 -7.35 -15.86
CA ALA A 25 -20.26 -6.67 -16.85
C ALA A 25 -20.80 -6.87 -18.26
N MET A 26 -21.29 -8.08 -18.56
CA MET A 26 -21.83 -8.34 -19.89
C MET A 26 -23.06 -7.50 -20.18
N ILE A 27 -23.96 -7.37 -19.20
CA ILE A 27 -25.18 -6.61 -19.43
C ILE A 27 -24.96 -5.11 -19.33
N MET A 28 -23.93 -4.68 -18.59
CA MET A 28 -23.66 -3.25 -18.46
C MET A 28 -23.27 -2.63 -19.80
N ALA A 29 -22.61 -3.40 -20.67
CA ALA A 29 -22.08 -2.89 -21.92
C ALA A 29 -23.10 -2.89 -23.05
N ASN A 30 -24.40 -2.86 -22.74
CA ASN A 30 -25.41 -2.90 -23.78
C ASN A 30 -26.65 -2.13 -23.34
N SER A 31 -27.41 -1.67 -24.34
CA SER A 31 -28.76 -1.13 -24.18
C SER A 31 -28.78 0.08 -23.23
N GLY A 32 -28.14 1.16 -23.69
CA GLY A 32 -28.25 2.45 -23.04
C GLY A 32 -26.96 2.92 -22.39
N ALA A 33 -26.26 2.02 -21.73
CA ALA A 33 -24.93 2.28 -21.23
C ALA A 33 -23.93 2.00 -22.36
N THR A 34 -22.67 1.77 -22.02
CA THR A 34 -21.50 1.52 -22.88
C THR A 34 -21.21 2.68 -23.80
N SER A 35 -22.03 3.73 -23.80
CA SER A 35 -21.76 4.94 -24.56
C SER A 35 -21.14 6.02 -23.68
N GLY A 36 -21.81 6.38 -22.59
CA GLY A 36 -21.24 7.33 -21.66
C GLY A 36 -20.02 6.77 -20.94
N TRP A 37 -20.03 5.48 -20.64
CA TRP A 37 -18.98 4.83 -19.88
C TRP A 37 -18.60 3.52 -20.57
N TYR A 38 -17.55 2.88 -20.04
CA TYR A 38 -17.12 1.54 -20.41
C TYR A 38 -16.56 1.46 -21.83
N HIS A 39 -16.64 2.55 -22.57
CA HIS A 39 -15.93 2.65 -23.84
C HIS A 39 -15.06 3.88 -23.92
N ASP A 40 -15.55 5.02 -23.45
CA ASP A 40 -14.67 6.16 -23.19
C ASP A 40 -13.87 5.91 -21.92
N PHE A 41 -14.51 5.30 -20.92
CA PHE A 41 -13.79 4.80 -19.77
C PHE A 41 -13.04 3.53 -20.14
N LEU A 42 -12.16 3.09 -19.24
CA LEU A 42 -11.29 1.93 -19.42
C LEU A 42 -10.28 2.12 -20.55
N GLU A 43 -10.24 3.30 -21.16
CA GLU A 43 -9.26 3.59 -22.19
C GLU A 43 -8.69 5.00 -22.10
N THR A 44 -9.03 5.76 -21.07
CA THR A 44 -8.48 7.10 -20.91
C THR A 44 -6.99 7.01 -20.63
N PRO A 45 -6.14 7.63 -21.44
CA PRO A 45 -4.70 7.54 -21.20
C PRO A 45 -4.30 8.20 -19.90
N VAL A 46 -3.29 7.62 -19.24
CA VAL A 46 -2.69 8.19 -18.05
C VAL A 46 -1.19 8.27 -18.29
N GLN A 47 -0.60 9.35 -17.79
CA GLN A 47 0.82 9.62 -18.00
C GLN A 47 1.45 10.10 -16.70
N LEU A 48 2.53 9.45 -16.30
CA LEU A 48 3.32 9.84 -15.15
C LEU A 48 4.68 10.29 -15.63
N ARG A 49 5.07 11.51 -15.26
CA ARG A 49 6.31 12.11 -15.72
C ARG A 49 7.15 12.55 -14.54
N VAL A 50 8.40 12.10 -14.51
CA VAL A 50 9.39 12.53 -13.53
C VAL A 50 10.59 13.00 -14.32
N GLY A 51 10.68 14.30 -14.56
CA GLY A 51 11.78 14.84 -15.35
C GLY A 51 11.79 14.24 -16.74
N SER A 52 12.92 13.62 -17.10
CA SER A 52 13.02 12.98 -18.39
C SER A 52 12.18 11.69 -18.44
N LEU A 53 12.07 10.98 -17.33
CA LEU A 53 11.33 9.72 -17.32
C LEU A 53 9.85 9.99 -17.57
N GLU A 54 9.23 9.17 -18.42
CA GLU A 54 7.84 9.35 -18.78
C GLU A 54 7.23 8.00 -19.07
N ILE A 55 6.02 7.77 -18.54
CA ILE A 55 5.30 6.52 -18.74
C ILE A 55 3.87 6.85 -19.13
N ASN A 56 3.42 6.33 -20.27
CA ASN A 56 2.05 6.53 -20.75
C ASN A 56 1.40 5.19 -20.99
N LYS A 57 0.21 5.00 -20.43
CA LYS A 57 -0.48 3.72 -20.57
C LYS A 57 -1.97 3.92 -20.32
N ASN A 58 -2.75 2.92 -20.72
CA ASN A 58 -4.19 2.94 -20.44
C ASN A 58 -4.46 2.42 -19.03
N MET A 59 -5.55 2.91 -18.44
CA MET A 59 -5.87 2.55 -17.07
C MET A 59 -6.12 1.05 -16.91
N LEU A 60 -6.71 0.43 -17.93
CA LEU A 60 -6.93 -1.01 -17.88
C LEU A 60 -5.63 -1.77 -17.69
N LEU A 61 -4.56 -1.31 -18.34
CA LEU A 61 -3.27 -1.96 -18.18
C LEU A 61 -2.78 -1.87 -16.75
N TRP A 62 -2.92 -0.70 -16.12
CA TRP A 62 -2.51 -0.55 -14.73
C TRP A 62 -3.32 -1.47 -13.81
N ILE A 63 -4.64 -1.52 -14.02
CA ILE A 63 -5.48 -2.35 -13.17
C ILE A 63 -5.09 -3.81 -13.31
N ASN A 64 -4.92 -4.28 -14.56
CA ASN A 64 -4.53 -5.67 -14.78
C ASN A 64 -3.18 -5.96 -14.17
N ASP A 65 -2.22 -5.05 -14.32
CA ASP A 65 -0.88 -5.27 -13.76
C ASP A 65 -0.95 -5.42 -12.25
N ALA A 66 -1.67 -4.53 -11.57
CA ALA A 66 -1.75 -4.61 -10.12
C ALA A 66 -2.44 -5.90 -9.66
N LEU A 67 -3.60 -6.20 -10.24
CA LEU A 67 -4.35 -7.37 -9.80
C LEU A 67 -3.57 -8.66 -10.05
N MET A 68 -2.95 -8.78 -11.22
CA MET A 68 -2.18 -9.98 -11.51
C MET A 68 -0.90 -10.04 -10.68
N ALA A 69 -0.30 -8.91 -10.33
CA ALA A 69 0.84 -8.94 -9.43
C ALA A 69 0.46 -9.53 -8.09
N VAL A 70 -0.67 -9.08 -7.53
CA VAL A 70 -1.11 -9.61 -6.25
C VAL A 70 -1.44 -11.10 -6.37
N PHE A 71 -2.18 -11.47 -7.42
CA PHE A 71 -2.60 -12.85 -7.58
C PHE A 71 -1.40 -13.78 -7.74
N PHE A 72 -0.40 -13.37 -8.53
CA PHE A 72 0.77 -14.22 -8.70
C PHE A 72 1.68 -14.21 -7.48
N LEU A 73 1.67 -13.15 -6.67
CA LEU A 73 2.34 -13.24 -5.38
C LEU A 73 1.71 -14.34 -4.53
N LEU A 74 0.37 -14.40 -4.50
CA LEU A 74 -0.29 -15.47 -3.77
C LEU A 74 0.05 -16.84 -4.37
N VAL A 75 0.09 -16.93 -5.69
CA VAL A 75 0.37 -18.22 -6.33
C VAL A 75 1.81 -18.66 -6.03
N GLY A 76 2.76 -17.73 -6.05
CA GLY A 76 4.12 -18.08 -5.71
C GLY A 76 4.26 -18.53 -4.26
N LEU A 77 3.54 -17.87 -3.36
CA LEU A 77 3.52 -18.32 -1.96
C LEU A 77 2.97 -19.73 -1.86
N GLU A 78 1.90 -20.03 -2.60
CA GLU A 78 1.33 -21.37 -2.59
C GLU A 78 2.32 -22.39 -3.12
N VAL A 79 3.05 -22.04 -4.19
CA VAL A 79 4.04 -22.95 -4.76
C VAL A 79 5.13 -23.23 -3.75
N LYS A 80 5.64 -22.19 -3.09
CA LYS A 80 6.71 -22.38 -2.11
C LYS A 80 6.24 -23.25 -0.96
N ARG A 81 5.02 -23.02 -0.48
CA ARG A 81 4.48 -23.86 0.60
C ARG A 81 4.32 -25.31 0.15
N GLU A 82 3.85 -25.52 -1.07
CA GLU A 82 3.51 -26.86 -1.53
C GLU A 82 4.77 -27.64 -1.89
N LEU A 83 5.77 -26.97 -2.47
CA LEU A 83 6.94 -27.67 -2.97
C LEU A 83 7.73 -28.35 -1.86
N MET A 84 7.82 -27.73 -0.68
CA MET A 84 8.61 -28.28 0.41
C MET A 84 7.78 -29.04 1.44
N GLN A 85 6.46 -28.89 1.45
CA GLN A 85 5.60 -29.59 2.38
C GLN A 85 4.46 -30.24 1.63
N GLY A 86 4.19 -31.50 1.95
CA GLY A 86 3.14 -32.25 1.27
C GLY A 86 3.67 -32.91 0.02
N SER A 87 2.92 -32.76 -1.08
CA SER A 87 3.35 -33.34 -2.34
C SER A 87 4.51 -32.54 -2.92
N LEU A 88 4.98 -32.98 -4.09
CA LEU A 88 6.07 -32.31 -4.82
C LEU A 88 7.34 -32.22 -3.98
N ALA A 89 7.52 -33.16 -3.05
CA ALA A 89 8.65 -33.13 -2.13
C ALA A 89 9.73 -34.15 -2.48
N SER A 90 9.55 -34.93 -3.53
CA SER A 90 10.51 -35.96 -3.91
C SER A 90 10.63 -36.00 -5.43
N LEU A 91 11.53 -36.85 -5.92
CA LEU A 91 11.65 -37.06 -7.35
C LEU A 91 10.52 -37.90 -7.91
N ARG A 92 9.82 -38.64 -7.05
CA ARG A 92 8.71 -39.48 -7.47
C ARG A 92 7.36 -39.02 -6.94
N GLN A 93 7.34 -38.20 -5.88
CA GLN A 93 6.09 -37.74 -5.31
C GLN A 93 5.34 -36.78 -6.23
N ALA A 94 5.98 -36.26 -7.27
CA ALA A 94 5.36 -35.28 -8.15
C ALA A 94 5.36 -35.73 -9.61
N ALA A 95 5.53 -37.02 -9.86
CA ALA A 95 5.56 -37.51 -11.24
C ALA A 95 4.23 -37.27 -11.94
N PHE A 96 3.13 -37.58 -11.26
CA PHE A 96 1.81 -37.44 -11.89
C PHE A 96 1.46 -36.00 -12.25
N PRO A 97 1.53 -35.02 -11.34
CA PRO A 97 1.20 -33.65 -11.75
C PRO A 97 2.15 -33.09 -12.80
N VAL A 98 3.44 -33.43 -12.72
CA VAL A 98 4.39 -32.94 -13.70
C VAL A 98 4.08 -33.50 -15.08
N ILE A 99 3.80 -34.80 -15.16
CA ILE A 99 3.45 -35.40 -16.45
C ILE A 99 2.14 -34.82 -16.97
N ALA A 100 1.18 -34.58 -16.08
CA ALA A 100 -0.08 -33.97 -16.51
C ALA A 100 0.14 -32.57 -17.07
N ALA A 101 0.98 -31.78 -16.42
CA ALA A 101 1.27 -30.44 -16.94
C ALA A 101 2.01 -30.51 -18.27
N ILE A 102 2.93 -31.45 -18.42
CA ILE A 102 3.62 -31.63 -19.69
C ILE A 102 2.62 -31.97 -20.80
N GLY A 103 1.66 -32.84 -20.49
CA GLY A 103 0.64 -33.17 -21.46
C GLY A 103 -0.25 -31.99 -21.80
N GLY A 104 -0.58 -31.17 -20.79
CA GLY A 104 -1.40 -30.00 -21.02
C GLY A 104 -0.69 -28.83 -21.66
N MET A 105 0.63 -28.87 -21.76
CA MET A 105 1.41 -27.83 -22.41
C MET A 105 1.80 -28.17 -23.84
N ILE A 106 1.30 -29.28 -24.39
CA ILE A 106 1.71 -29.71 -25.71
C ILE A 106 0.51 -29.87 -26.63
N VAL A 107 -0.41 -30.77 -26.26
CA VAL A 107 -1.52 -31.09 -27.16
C VAL A 107 -2.43 -29.91 -27.44
N PRO A 108 -2.97 -29.19 -26.44
CA PRO A 108 -3.86 -28.07 -26.78
C PRO A 108 -3.19 -26.98 -27.57
N THR A 109 -1.92 -26.69 -27.29
CA THR A 109 -1.19 -25.71 -28.09
C THR A 109 -0.98 -26.21 -29.51
N LEU A 110 -0.61 -27.49 -29.66
CA LEU A 110 -0.41 -28.06 -30.98
C LEU A 110 -1.70 -28.07 -31.79
N LEU A 111 -2.82 -28.41 -31.15
CA LEU A 111 -4.10 -28.41 -31.84
C LEU A 111 -4.52 -26.98 -32.19
N TYR A 112 -4.23 -26.03 -31.32
CA TYR A 112 -4.61 -24.64 -31.59
C TYR A 112 -3.89 -24.09 -32.82
N LEU A 113 -2.62 -24.45 -32.98
CA LEU A 113 -1.80 -23.91 -34.07
C LEU A 113 -1.99 -24.64 -35.38
N ALA A 114 -2.85 -25.67 -35.43
CA ALA A 114 -2.98 -26.47 -36.63
C ALA A 114 -3.48 -25.63 -37.81
N PHE A 115 -4.49 -24.79 -37.57
CA PHE A 115 -5.08 -23.97 -38.62
C PHE A 115 -5.02 -22.49 -38.28
N ASN A 116 -3.98 -22.08 -37.56
CA ASN A 116 -3.86 -20.71 -37.12
C ASN A 116 -2.46 -20.18 -37.45
N TYR A 117 -1.48 -21.08 -37.43
CA TYR A 117 -0.08 -20.68 -37.52
C TYR A 117 0.29 -20.06 -38.86
N ALA A 118 -0.62 -20.16 -39.84
CA ALA A 118 -0.35 -19.58 -41.15
C ALA A 118 -0.19 -18.07 -41.07
N ASP A 119 -1.06 -17.39 -40.31
CA ASP A 119 -1.05 -15.93 -40.27
C ASP A 119 -0.35 -15.50 -38.98
N PRO A 120 0.73 -14.72 -39.06
CA PRO A 120 1.51 -14.42 -37.85
C PRO A 120 0.76 -13.65 -36.79
N ILE A 121 -0.10 -12.69 -37.17
CA ILE A 121 -0.72 -11.83 -36.17
C ILE A 121 -1.66 -12.62 -35.27
N THR A 122 -2.22 -13.72 -35.76
CA THR A 122 -2.97 -14.63 -34.92
C THR A 122 -2.11 -15.78 -34.40
N ARG A 123 -1.01 -16.09 -35.08
CA ARG A 123 -0.10 -17.13 -34.60
C ARG A 123 0.58 -16.71 -33.30
N GLU A 124 0.73 -15.40 -33.07
CA GLU A 124 1.41 -14.93 -31.87
C GLU A 124 0.69 -15.33 -30.59
N GLY A 125 -0.58 -15.69 -30.67
CA GLY A 125 -1.34 -16.07 -29.49
C GLY A 125 -1.41 -17.56 -29.26
N TRP A 126 -0.28 -18.26 -29.43
CA TRP A 126 -0.26 -19.71 -29.34
C TRP A 126 -0.54 -20.21 -27.93
N ALA A 127 -0.32 -19.41 -26.90
CA ALA A 127 -0.45 -19.85 -25.52
C ALA A 127 -1.82 -19.54 -24.91
N ILE A 128 -2.79 -19.14 -25.74
CA ILE A 128 -4.11 -18.80 -25.20
C ILE A 128 -4.79 -19.98 -24.52
N PRO A 129 -4.90 -21.16 -25.15
CA PRO A 129 -5.68 -22.23 -24.52
C PRO A 129 -4.96 -22.99 -23.42
N ALA A 130 -3.66 -22.79 -23.25
CA ALA A 130 -2.92 -23.52 -22.22
C ALA A 130 -3.25 -23.03 -20.82
N ALA A 131 -3.73 -21.80 -20.68
CA ALA A 131 -4.03 -21.26 -19.36
C ALA A 131 -5.21 -22.00 -18.73
N THR A 132 -5.20 -22.06 -17.39
CA THR A 132 -6.23 -22.74 -16.63
C THR A 132 -6.66 -21.86 -15.46
N ASP A 133 -7.96 -21.85 -15.19
CA ASP A 133 -8.50 -21.08 -14.08
C ASP A 133 -8.34 -21.85 -12.77
N ILE A 134 -8.44 -21.12 -11.66
CA ILE A 134 -8.29 -21.68 -10.32
C ILE A 134 -9.60 -21.64 -9.54
N ALA A 135 -10.17 -20.46 -9.36
CA ALA A 135 -11.34 -20.33 -8.50
C ALA A 135 -12.57 -20.99 -9.10
N PHE A 136 -12.72 -20.92 -10.43
CA PHE A 136 -13.92 -21.45 -11.05
C PHE A 136 -14.03 -22.96 -10.89
N ALA A 137 -12.92 -23.68 -11.11
CA ALA A 137 -12.96 -25.14 -11.00
C ALA A 137 -13.24 -25.59 -9.57
N LEU A 138 -12.60 -24.96 -8.59
CA LEU A 138 -12.85 -25.30 -7.20
C LEU A 138 -14.28 -24.96 -6.79
N GLY A 139 -14.78 -23.82 -7.26
CA GLY A 139 -16.18 -23.49 -7.00
C GLY A 139 -17.14 -24.50 -7.58
N VAL A 140 -16.84 -24.98 -8.80
CA VAL A 140 -17.67 -26.01 -9.41
C VAL A 140 -17.62 -27.29 -8.59
N LEU A 141 -16.44 -27.67 -8.11
CA LEU A 141 -16.31 -28.83 -7.24
C LEU A 141 -17.12 -28.64 -5.96
N ALA A 142 -17.21 -27.41 -5.46
CA ALA A 142 -17.84 -27.16 -4.17
C ALA A 142 -19.31 -27.56 -4.13
N LEU A 143 -20.03 -27.52 -5.26
CA LEU A 143 -21.45 -27.82 -5.23
C LEU A 143 -21.74 -29.28 -4.95
N LEU A 144 -20.76 -30.17 -5.10
CA LEU A 144 -20.96 -31.59 -4.85
C LEU A 144 -20.86 -31.87 -3.36
N GLY A 145 -21.88 -32.52 -2.81
CA GLY A 145 -21.93 -32.76 -1.38
C GLY A 145 -21.21 -34.01 -0.93
N SER A 146 -20.01 -33.83 -0.38
CA SER A 146 -19.15 -34.87 0.19
C SER A 146 -18.60 -35.84 -0.85
N ARG A 147 -19.01 -35.72 -2.11
CA ARG A 147 -18.45 -36.55 -3.18
C ARG A 147 -17.28 -35.85 -3.85
N VAL A 148 -16.34 -35.38 -3.04
CA VAL A 148 -15.15 -34.69 -3.54
C VAL A 148 -13.95 -35.16 -2.73
N PRO A 149 -13.24 -36.20 -3.17
CA PRO A 149 -12.04 -36.62 -2.44
C PRO A 149 -10.97 -35.55 -2.47
N LEU A 150 -10.15 -35.53 -1.41
CA LEU A 150 -9.07 -34.54 -1.33
C LEU A 150 -8.07 -34.73 -2.46
N ALA A 151 -7.91 -35.96 -2.93
CA ALA A 151 -6.95 -36.23 -4.01
C ALA A 151 -7.30 -35.44 -5.26
N LEU A 152 -8.58 -35.38 -5.61
CA LEU A 152 -8.97 -34.63 -6.79
C LEU A 152 -8.63 -33.15 -6.66
N LYS A 153 -8.89 -32.56 -5.49
CA LYS A 153 -8.62 -31.14 -5.30
C LYS A 153 -7.13 -30.85 -5.34
N ILE A 154 -6.33 -31.67 -4.64
CA ILE A 154 -4.89 -31.45 -4.62
C ILE A 154 -4.31 -31.59 -6.03
N PHE A 155 -4.76 -32.63 -6.76
CA PHE A 155 -4.27 -32.81 -8.13
C PHE A 155 -4.66 -31.64 -9.02
N LEU A 156 -5.92 -31.20 -8.92
CA LEU A 156 -6.40 -30.11 -9.78
C LEU A 156 -5.57 -28.84 -9.55
N MET A 157 -5.40 -28.46 -8.28
CA MET A 157 -4.71 -27.18 -8.04
C MET A 157 -3.23 -27.31 -8.38
N ALA A 158 -2.60 -28.42 -7.96
CA ALA A 158 -1.17 -28.60 -8.24
C ALA A 158 -0.88 -28.84 -9.72
N LEU A 159 -1.91 -29.09 -10.53
CA LEU A 159 -1.71 -29.17 -11.98
C LEU A 159 -1.93 -27.82 -12.66
N ALA A 160 -3.03 -27.15 -12.32
CA ALA A 160 -3.33 -25.87 -12.95
C ALA A 160 -2.28 -24.83 -12.59
N ILE A 161 -1.77 -24.87 -11.36
CA ILE A 161 -0.78 -23.88 -10.94
C ILE A 161 0.50 -24.01 -11.77
N ILE A 162 1.01 -25.24 -11.92
CA ILE A 162 2.24 -25.42 -12.68
C ILE A 162 1.99 -25.12 -14.15
N ASP A 163 0.80 -25.45 -14.67
CA ASP A 163 0.48 -25.10 -16.04
C ASP A 163 0.58 -23.59 -16.26
N ASP A 164 -0.07 -22.82 -15.39
CA ASP A 164 -0.05 -21.36 -15.53
C ASP A 164 1.37 -20.82 -15.38
N LEU A 165 2.12 -21.34 -14.40
CA LEU A 165 3.47 -20.82 -14.18
C LEU A 165 4.37 -21.11 -15.37
N GLY A 166 4.30 -22.31 -15.94
CA GLY A 166 5.09 -22.61 -17.12
C GLY A 166 4.71 -21.74 -18.30
N ALA A 167 3.41 -21.53 -18.51
CA ALA A 167 2.99 -20.67 -19.61
C ALA A 167 3.51 -19.25 -19.44
N ILE A 168 3.41 -18.71 -18.22
CA ILE A 168 3.86 -17.34 -17.98
C ILE A 168 5.37 -17.23 -18.14
N ILE A 169 6.12 -18.21 -17.63
CA ILE A 169 7.57 -18.17 -17.75
C ILE A 169 7.98 -18.23 -19.22
N ILE A 170 7.36 -19.11 -19.99
CA ILE A 170 7.72 -19.23 -21.41
C ILE A 170 7.38 -17.94 -22.14
N ILE A 171 6.21 -17.34 -21.83
CA ILE A 171 5.83 -16.09 -22.48
C ILE A 171 6.82 -14.99 -22.14
N ALA A 172 7.27 -14.93 -20.88
CA ALA A 172 8.19 -13.88 -20.48
C ALA A 172 9.57 -14.06 -21.11
N LEU A 173 10.03 -15.31 -21.24
CA LEU A 173 11.38 -15.55 -21.72
C LEU A 173 11.52 -15.17 -23.20
N PHE A 174 10.76 -15.83 -24.07
CA PHE A 174 10.83 -15.58 -25.50
C PHE A 174 9.75 -14.62 -25.93
N TYR A 175 9.93 -14.05 -27.13
CA TYR A 175 9.00 -13.08 -27.70
C TYR A 175 8.69 -11.96 -26.72
N THR A 176 9.74 -11.33 -26.21
CA THR A 176 9.61 -10.23 -25.26
C THR A 176 10.40 -9.03 -25.76
N ASN A 177 9.91 -7.85 -25.41
CA ASN A 177 10.61 -6.62 -25.77
C ASN A 177 11.86 -6.46 -24.91
N ASP A 178 12.87 -5.79 -25.48
CA ASP A 178 14.11 -5.50 -24.78
C ASP A 178 13.94 -4.16 -24.06
N LEU A 179 13.59 -4.22 -22.77
CA LEU A 179 13.36 -3.01 -22.00
C LEU A 179 14.69 -2.32 -21.70
N SER A 180 14.60 -1.16 -21.05
CA SER A 180 15.78 -0.34 -20.79
C SER A 180 16.77 -1.08 -19.91
N MET A 181 18.06 -0.92 -20.22
CA MET A 181 19.10 -1.59 -19.43
C MET A 181 19.15 -1.03 -18.02
N ALA A 182 18.83 0.26 -17.84
CA ALA A 182 18.81 0.85 -16.51
C ALA A 182 17.73 0.22 -15.64
N SER A 183 16.62 -0.20 -16.24
CA SER A 183 15.57 -0.87 -15.47
C SER A 183 16.07 -2.19 -14.91
N LEU A 184 16.80 -2.97 -15.71
CA LEU A 184 17.35 -4.22 -15.22
C LEU A 184 18.54 -4.01 -14.30
N GLY A 185 19.24 -2.88 -14.42
CA GLY A 185 20.36 -2.62 -13.53
C GLY A 185 19.93 -2.52 -12.07
N VAL A 186 18.79 -1.87 -11.83
CA VAL A 186 18.25 -1.83 -10.47
C VAL A 186 17.39 -3.05 -10.17
N ALA A 187 16.91 -3.76 -11.18
CA ALA A 187 16.17 -5.00 -10.94
C ALA A 187 17.08 -6.15 -10.57
N ALA A 188 18.32 -6.14 -11.04
CA ALA A 188 19.28 -7.17 -10.69
C ALA A 188 19.94 -6.92 -9.34
N VAL A 189 19.70 -5.77 -8.73
CA VAL A 189 20.22 -5.47 -7.40
C VAL A 189 19.22 -5.77 -6.31
N ALA A 190 17.94 -5.47 -6.55
CA ALA A 190 16.91 -5.77 -5.57
C ALA A 190 16.80 -7.26 -5.30
N ILE A 191 16.92 -8.08 -6.34
CA ILE A 191 16.85 -9.53 -6.18
C ILE A 191 18.02 -10.01 -5.32
N ALA A 192 19.23 -9.53 -5.62
CA ALA A 192 20.38 -9.90 -4.80
C ALA A 192 20.22 -9.39 -3.38
N VAL A 193 19.67 -8.19 -3.21
CA VAL A 193 19.37 -7.68 -1.88
C VAL A 193 18.37 -8.60 -1.19
N LEU A 194 17.36 -9.08 -1.92
CA LEU A 194 16.40 -10.02 -1.35
C LEU A 194 17.08 -11.30 -0.90
N ALA A 195 18.00 -11.83 -1.71
CA ALA A 195 18.69 -13.06 -1.34
C ALA A 195 19.54 -12.86 -0.11
N VAL A 196 20.27 -11.74 -0.03
CA VAL A 196 21.09 -11.47 1.14
C VAL A 196 20.23 -11.31 2.38
N LEU A 197 19.09 -10.61 2.24
CA LEU A 197 18.18 -10.43 3.37
C LEU A 197 17.63 -11.75 3.86
N ASN A 198 17.23 -12.63 2.93
CA ASN A 198 16.66 -13.91 3.34
C ASN A 198 17.71 -14.84 3.92
N LEU A 199 18.95 -14.76 3.43
CA LEU A 199 20.00 -15.65 3.92
C LEU A 199 20.27 -15.44 5.40
N CYS A 200 20.35 -14.20 5.85
CA CYS A 200 20.61 -13.89 7.24
C CYS A 200 19.35 -13.90 8.11
N GLY A 201 18.18 -14.06 7.50
CA GLY A 201 16.95 -14.11 8.25
C GLY A 201 16.36 -12.74 8.51
N ALA A 202 15.09 -12.55 8.16
CA ALA A 202 14.40 -11.30 8.40
C ALA A 202 13.17 -11.48 9.27
N ARG A 203 12.32 -12.46 8.96
CA ARG A 203 11.11 -12.75 9.73
C ARG A 203 10.20 -11.52 9.83
N ARG A 204 10.13 -10.75 8.75
CA ARG A 204 9.30 -9.55 8.71
C ARG A 204 8.82 -9.36 7.29
N THR A 205 7.53 -9.58 7.06
CA THR A 205 6.98 -9.49 5.71
C THR A 205 6.96 -8.06 5.19
N GLY A 206 7.05 -7.06 6.06
CA GLY A 206 7.00 -5.68 5.60
C GLY A 206 8.18 -5.30 4.72
N VAL A 207 9.39 -5.69 5.13
CA VAL A 207 10.58 -5.38 4.35
C VAL A 207 10.52 -6.08 3.01
N TYR A 208 10.09 -7.35 3.00
CA TYR A 208 9.99 -8.09 1.75
C TYR A 208 8.96 -7.45 0.83
N ILE A 209 7.83 -7.01 1.37
CA ILE A 209 6.80 -6.38 0.55
C ILE A 209 7.31 -5.04 -0.01
N LEU A 210 8.06 -4.30 0.79
CA LEU A 210 8.61 -3.03 0.30
C LEU A 210 9.59 -3.26 -0.84
N VAL A 211 10.50 -4.23 -0.68
CA VAL A 211 11.45 -4.52 -1.74
C VAL A 211 10.71 -5.03 -2.98
N GLY A 212 9.65 -5.80 -2.77
CA GLY A 212 8.86 -6.26 -3.89
C GLY A 212 8.16 -5.14 -4.63
N VAL A 213 7.67 -4.14 -3.89
CA VAL A 213 7.07 -2.97 -4.52
C VAL A 213 8.12 -2.22 -5.34
N VAL A 214 9.32 -2.08 -4.80
CA VAL A 214 10.40 -1.43 -5.54
C VAL A 214 10.69 -2.18 -6.84
N LEU A 215 10.80 -3.52 -6.74
CA LEU A 215 11.09 -4.32 -7.92
C LEU A 215 9.96 -4.24 -8.95
N TRP A 216 8.72 -4.28 -8.49
CA TRP A 216 7.58 -4.18 -9.39
C TRP A 216 7.56 -2.85 -10.11
N THR A 217 7.86 -1.76 -9.38
CA THR A 217 7.93 -0.46 -10.03
C THR A 217 9.13 -0.34 -10.97
N ALA A 218 10.18 -1.14 -10.74
CA ALA A 218 11.36 -1.06 -11.60
C ALA A 218 11.04 -1.49 -13.03
N VAL A 219 10.24 -2.54 -13.19
CA VAL A 219 9.95 -3.08 -14.51
C VAL A 219 8.48 -2.84 -14.86
N LEU A 220 7.90 -1.78 -14.31
CA LEU A 220 6.50 -1.47 -14.59
C LEU A 220 6.29 -1.11 -16.05
N LYS A 221 7.31 -0.55 -16.71
CA LYS A 221 7.17 -0.16 -18.11
C LYS A 221 6.92 -1.34 -19.02
N SER A 222 7.30 -2.54 -18.62
CA SER A 222 7.12 -3.72 -19.44
C SER A 222 5.75 -4.34 -19.16
N GLY A 223 5.53 -5.54 -19.69
CA GLY A 223 4.27 -6.22 -19.55
C GLY A 223 4.28 -7.34 -18.53
N VAL A 224 4.48 -8.57 -19.00
CA VAL A 224 4.39 -9.75 -18.15
C VAL A 224 5.38 -9.69 -16.98
N HIS A 225 6.49 -8.97 -17.14
CA HIS A 225 7.51 -8.92 -16.09
C HIS A 225 6.94 -8.37 -14.79
N ALA A 226 6.01 -7.42 -14.88
CA ALA A 226 5.36 -6.91 -13.67
C ALA A 226 4.60 -8.02 -12.96
N THR A 227 3.91 -8.86 -13.72
CA THR A 227 3.20 -10.00 -13.13
C THR A 227 4.18 -11.00 -12.51
N LEU A 228 5.28 -11.27 -13.20
CA LEU A 228 6.27 -12.23 -12.71
C LEU A 228 6.99 -11.73 -11.47
N ALA A 229 7.02 -10.42 -11.25
CA ALA A 229 7.65 -9.88 -10.05
C ALA A 229 6.99 -10.42 -8.80
N GLY A 230 5.66 -10.58 -8.82
CA GLY A 230 4.98 -11.12 -7.66
C GLY A 230 5.39 -12.54 -7.34
N VAL A 231 5.51 -13.38 -8.37
CA VAL A 231 5.97 -14.76 -8.16
C VAL A 231 7.40 -14.75 -7.63
N ILE A 232 8.26 -13.90 -8.19
CA ILE A 232 9.64 -13.83 -7.73
C ILE A 232 9.70 -13.45 -6.25
N VAL A 233 8.89 -12.47 -5.86
CA VAL A 233 8.87 -12.04 -4.46
C VAL A 233 8.34 -13.14 -3.56
N GLY A 234 7.25 -13.80 -3.96
CA GLY A 234 6.69 -14.87 -3.16
C GLY A 234 7.61 -16.07 -3.04
N PHE A 235 8.54 -16.23 -3.98
CA PHE A 235 9.51 -17.32 -3.89
C PHE A 235 10.58 -17.08 -2.83
N PHE A 236 10.64 -15.89 -2.23
CA PHE A 236 11.73 -15.54 -1.33
C PHE A 236 11.32 -15.36 0.13
N ILE A 237 10.04 -15.19 0.41
CA ILE A 237 9.60 -14.98 1.79
C ILE A 237 9.86 -16.24 2.60
N PRO A 238 10.49 -16.15 3.77
CA PRO A 238 10.80 -17.36 4.53
C PRO A 238 9.56 -18.07 5.01
N LEU A 239 9.67 -19.40 5.11
CA LEU A 239 8.57 -20.23 5.58
C LEU A 239 8.96 -21.17 6.71
N LYS A 240 10.25 -21.35 6.97
CA LYS A 240 10.70 -22.34 7.94
C LYS A 240 10.07 -22.09 9.30
N GLU A 241 9.52 -23.15 9.89
CA GLU A 241 8.79 -23.03 11.14
C GLU A 241 9.74 -22.77 12.29
N LYS A 242 9.43 -21.76 13.10
CA LYS A 242 10.27 -21.41 14.24
C LYS A 242 9.43 -20.67 15.26
N HIS A 243 9.54 -21.07 16.52
CA HIS A 243 8.91 -20.38 17.65
C HIS A 243 7.39 -20.30 17.51
N GLY A 244 6.79 -21.30 16.87
CA GLY A 244 5.35 -21.36 16.75
C GLY A 244 4.73 -20.46 15.70
N ARG A 245 5.54 -19.75 14.93
CA ARG A 245 5.04 -18.81 13.93
C ARG A 245 5.73 -19.04 12.60
N SER A 246 5.04 -18.69 11.52
CA SER A 246 5.59 -18.79 10.17
C SER A 246 5.01 -17.66 9.32
N PRO A 247 5.85 -16.75 8.83
CA PRO A 247 5.32 -15.62 8.05
C PRO A 247 4.57 -16.02 6.80
N ALA A 248 5.00 -17.09 6.13
CA ALA A 248 4.37 -17.49 4.88
C ALA A 248 2.93 -17.93 5.11
N LYS A 249 2.69 -18.75 6.13
CA LYS A 249 1.34 -19.21 6.42
C LYS A 249 0.44 -18.05 6.82
N ARG A 250 0.95 -17.14 7.64
CA ARG A 250 0.16 -15.98 8.04
C ARG A 250 -0.21 -15.12 6.84
N LEU A 251 0.75 -14.88 5.95
CA LEU A 251 0.47 -14.09 4.75
C LEU A 251 -0.55 -14.79 3.86
N GLU A 252 -0.42 -16.11 3.71
CA GLU A 252 -1.40 -16.86 2.91
C GLU A 252 -2.79 -16.72 3.50
N HIS A 253 -2.93 -16.90 4.81
CA HIS A 253 -4.25 -16.81 5.44
CA HIS A 253 -4.25 -16.81 5.44
C HIS A 253 -4.81 -15.40 5.31
N VAL A 254 -3.96 -14.39 5.45
CA VAL A 254 -4.44 -13.01 5.32
C VAL A 254 -4.89 -12.73 3.89
N LEU A 255 -4.12 -13.15 2.91
CA LEU A 255 -4.39 -12.83 1.52
C LEU A 255 -5.53 -13.64 0.92
N HIS A 256 -5.83 -14.83 1.47
CA HIS A 256 -6.81 -15.71 0.84
C HIS A 256 -8.19 -15.08 0.69
N PRO A 257 -8.79 -14.47 1.73
CA PRO A 257 -10.12 -13.88 1.52
C PRO A 257 -10.14 -12.73 0.53
N TRP A 258 -9.06 -11.94 0.45
CA TRP A 258 -9.05 -10.79 -0.45
C TRP A 258 -9.10 -11.23 -1.91
N VAL A 259 -8.34 -12.26 -2.27
CA VAL A 259 -8.25 -12.67 -3.66
C VAL A 259 -9.59 -13.21 -4.16
N ALA A 260 -10.26 -14.02 -3.35
CA ALA A 260 -11.51 -14.64 -3.77
C ALA A 260 -12.69 -13.68 -3.73
N TYR A 261 -12.52 -12.47 -3.19
CA TYR A 261 -13.63 -11.55 -3.03
C TYR A 261 -13.41 -10.19 -3.67
N LEU A 262 -12.17 -9.74 -3.82
CA LEU A 262 -11.88 -8.42 -4.37
C LEU A 262 -10.87 -8.41 -5.50
N ILE A 263 -10.00 -9.40 -5.60
CA ILE A 263 -8.99 -9.40 -6.65
C ILE A 263 -9.57 -10.06 -7.90
N LEU A 264 -10.00 -11.32 -7.78
CA LEU A 264 -10.61 -11.98 -8.93
C LEU A 264 -11.92 -11.31 -9.33
N PRO A 265 -12.85 -11.00 -8.42
CA PRO A 265 -13.92 -10.06 -8.78
C PRO A 265 -13.34 -8.68 -9.01
N LEU A 266 -14.09 -7.86 -9.75
CA LEU A 266 -13.71 -6.51 -10.15
C LEU A 266 -12.62 -6.60 -11.22
N PHE A 267 -12.10 -7.81 -11.44
CA PHE A 267 -11.23 -8.08 -12.58
C PHE A 267 -12.02 -8.63 -13.75
N ALA A 268 -12.86 -9.64 -13.51
CA ALA A 268 -13.77 -10.10 -14.54
C ALA A 268 -14.82 -9.06 -14.89
N PHE A 269 -15.00 -8.05 -14.04
CA PHE A 269 -15.91 -6.96 -14.36
C PHE A 269 -15.32 -6.02 -15.39
N ALA A 270 -13.99 -5.95 -15.49
CA ALA A 270 -13.35 -5.00 -16.39
C ALA A 270 -13.03 -5.61 -17.75
N ASN A 271 -12.21 -6.66 -17.78
CA ASN A 271 -11.77 -7.23 -19.05
C ASN A 271 -12.91 -7.97 -19.74
N ALA A 272 -13.62 -8.82 -19.02
CA ALA A 272 -14.70 -9.59 -19.62
C ALA A 272 -15.84 -8.66 -20.03
N GLY A 273 -16.56 -9.06 -21.07
CA GLY A 273 -17.60 -8.23 -21.63
C GLY A 273 -17.33 -7.84 -23.06
N VAL A 274 -18.16 -8.32 -23.98
CA VAL A 274 -17.99 -8.08 -25.40
C VAL A 274 -19.17 -7.25 -25.90
N SER A 275 -18.98 -6.65 -27.07
CA SER A 275 -20.04 -5.83 -27.66
C SER A 275 -21.26 -6.68 -27.97
N LEU A 276 -21.05 -7.85 -28.58
CA LEU A 276 -22.14 -8.79 -28.90
C LEU A 276 -23.23 -8.12 -29.74
N GLY A 277 -22.82 -7.20 -30.61
CA GLY A 277 -23.76 -6.46 -31.43
C GLY A 277 -23.85 -6.98 -32.85
N GLY A 278 -22.70 -7.32 -33.44
CA GLY A 278 -22.67 -7.79 -34.81
C GLY A 278 -22.15 -9.21 -34.94
N VAL A 279 -22.53 -10.07 -34.02
CA VAL A 279 -22.09 -11.46 -34.05
C VAL A 279 -22.83 -12.20 -35.16
N THR A 280 -22.08 -12.78 -36.08
CA THR A 280 -22.64 -13.52 -37.20
C THR A 280 -21.85 -14.80 -37.40
N LEU A 281 -22.52 -15.81 -37.97
CA LEU A 281 -21.92 -17.13 -38.19
C LEU A 281 -21.40 -17.71 -36.88
N ASP A 282 -22.15 -17.50 -35.79
CA ASP A 282 -21.78 -17.96 -34.46
C ASP A 282 -20.40 -17.44 -34.08
N GLY A 283 -19.40 -18.33 -34.08
CA GLY A 283 -18.03 -17.94 -33.84
C GLY A 283 -17.29 -17.47 -35.07
N LEU A 284 -18.01 -17.21 -36.17
CA LEU A 284 -17.52 -16.80 -37.47
C LEU A 284 -16.73 -17.91 -38.17
N THR A 285 -16.52 -19.05 -37.52
CA THR A 285 -15.81 -20.19 -38.10
C THR A 285 -14.45 -19.80 -38.63
N SER A 286 -13.87 -18.72 -38.11
CA SER A 286 -12.57 -18.24 -38.56
C SER A 286 -11.47 -19.07 -37.90
N ILE A 287 -10.23 -18.59 -37.99
CA ILE A 287 -9.09 -19.37 -37.52
C ILE A 287 -8.93 -19.24 -36.01
N LEU A 288 -8.95 -18.01 -35.50
CA LEU A 288 -8.61 -17.80 -34.09
C LEU A 288 -9.73 -18.27 -33.15
N PRO A 289 -11.00 -17.88 -33.33
CA PRO A 289 -12.04 -18.42 -32.43
C PRO A 289 -12.14 -19.93 -32.46
N LEU A 290 -12.00 -20.55 -33.64
CA LEU A 290 -12.06 -22.00 -33.72
C LEU A 290 -10.87 -22.63 -33.02
N GLY A 291 -9.68 -22.06 -33.19
CA GLY A 291 -8.50 -22.59 -32.51
C GLY A 291 -8.63 -22.49 -31.00
N ILE A 292 -9.22 -21.38 -30.51
CA ILE A 292 -9.39 -21.23 -29.07
C ILE A 292 -10.44 -22.19 -28.55
N ILE A 293 -11.57 -22.34 -29.26
CA ILE A 293 -12.65 -23.19 -28.79
C ILE A 293 -12.22 -24.64 -28.79
N ALA A 294 -11.60 -25.11 -29.88
CA ALA A 294 -11.19 -26.50 -29.95
C ALA A 294 -9.98 -26.78 -29.06
N GLY A 295 -9.16 -25.76 -28.79
CA GLY A 295 -7.99 -25.97 -27.96
C GLY A 295 -8.32 -26.32 -26.53
N MET A 296 -9.31 -25.65 -25.95
CA MET A 296 -9.66 -25.85 -24.54
C MET A 296 -10.75 -26.90 -24.33
N LEU A 297 -11.52 -27.22 -25.36
CA LEU A 297 -12.60 -28.19 -25.23
C LEU A 297 -12.14 -29.61 -25.54
N ILE A 298 -11.17 -29.78 -26.45
CA ILE A 298 -10.67 -31.07 -26.83
C ILE A 298 -9.21 -31.25 -26.44
N GLY A 299 -8.38 -30.21 -26.63
CA GLY A 299 -6.95 -30.35 -26.40
C GLY A 299 -6.59 -30.67 -24.97
N LYS A 300 -7.27 -30.02 -24.01
CA LYS A 300 -6.91 -30.25 -22.61
C LYS A 300 -7.43 -31.59 -22.08
N PRO A 301 -8.72 -31.91 -22.18
CA PRO A 301 -9.18 -33.21 -21.64
C PRO A 301 -8.56 -34.41 -22.32
N LEU A 302 -8.10 -34.27 -23.55
CA LEU A 302 -7.41 -35.35 -24.25
C LEU A 302 -5.90 -35.28 -24.12
N GLY A 303 -5.34 -34.09 -23.99
CA GLY A 303 -3.90 -33.95 -23.79
C GLY A 303 -3.42 -34.25 -22.40
N ILE A 304 -4.33 -34.36 -21.43
CA ILE A 304 -3.98 -34.70 -20.06
C ILE A 304 -4.22 -36.17 -19.77
N SER A 305 -5.36 -36.70 -20.21
CA SER A 305 -5.69 -38.10 -19.92
C SER A 305 -4.70 -39.05 -20.56
N LEU A 306 -4.30 -38.79 -21.81
CA LEU A 306 -3.40 -39.70 -22.51
C LEU A 306 -2.03 -39.73 -21.86
N PHE A 307 -1.47 -38.56 -21.55
CA PHE A 307 -0.14 -38.53 -20.93
C PHE A 307 -0.18 -39.06 -19.51
N CYS A 308 -1.27 -38.81 -18.78
CA CYS A 308 -1.41 -39.42 -17.46
C CYS A 308 -1.49 -40.94 -17.57
N TRP A 309 -2.18 -41.44 -18.60
CA TRP A 309 -2.21 -42.88 -18.83
C TRP A 309 -0.82 -43.42 -19.10
N LEU A 310 -0.02 -42.69 -19.89
CA LEU A 310 1.37 -43.10 -20.11
C LEU A 310 2.14 -43.14 -18.80
N ALA A 311 1.97 -42.12 -17.95
CA ALA A 311 2.62 -42.11 -16.66
C ALA A 311 2.08 -43.18 -15.73
N LEU A 312 0.85 -43.64 -15.95
CA LEU A 312 0.24 -44.68 -15.13
C LEU A 312 0.74 -46.07 -15.51
N ARG A 313 1.71 -46.16 -16.40
CA ARG A 313 2.21 -47.44 -16.88
C ARG A 313 2.87 -48.23 -15.76
N LEU A 314 3.39 -49.41 -16.08
CA LEU A 314 4.23 -50.11 -15.12
C LEU A 314 5.42 -49.22 -14.77
N LYS A 315 5.80 -49.24 -13.50
CA LYS A 315 6.74 -48.28 -12.89
C LYS A 315 6.27 -46.87 -13.26
N LEU A 316 7.17 -45.90 -13.32
CA LEU A 316 6.82 -44.49 -13.57
C LEU A 316 5.86 -44.06 -12.45
N ALA A 317 4.86 -43.25 -12.76
CA ALA A 317 3.98 -42.72 -11.73
C ALA A 317 2.93 -43.75 -11.32
N HIS A 318 2.34 -43.52 -10.15
CA HIS A 318 1.25 -44.33 -9.63
C HIS A 318 0.05 -43.44 -9.34
N LEU A 319 -1.13 -43.95 -9.65
CA LEU A 319 -2.34 -43.17 -9.44
C LEU A 319 -2.53 -42.90 -7.95
N PRO A 320 -3.02 -41.71 -7.58
CA PRO A 320 -3.17 -41.39 -6.16
C PRO A 320 -4.23 -42.25 -5.50
N GLU A 321 -4.11 -42.35 -4.17
CA GLU A 321 -5.05 -43.15 -3.41
C GLU A 321 -6.46 -42.58 -3.50
N GLY A 322 -7.44 -43.46 -3.51
CA GLY A 322 -8.83 -43.02 -3.63
C GLY A 322 -9.12 -42.27 -4.92
N THR A 323 -8.57 -42.75 -6.04
CA THR A 323 -8.75 -42.08 -7.31
C THR A 323 -8.44 -43.05 -8.43
N THR A 324 -9.34 -43.16 -9.40
CA THR A 324 -9.21 -44.06 -10.54
C THR A 324 -9.05 -43.22 -11.80
N TYR A 325 -9.03 -43.89 -12.95
CA TYR A 325 -8.87 -43.17 -14.21
C TYR A 325 -10.08 -42.30 -14.54
N GLN A 326 -11.27 -42.72 -14.13
CA GLN A 326 -12.49 -41.96 -14.46
C GLN A 326 -12.46 -40.58 -13.82
N GLN A 327 -12.07 -40.52 -12.54
CA GLN A 327 -11.94 -39.23 -11.87
C GLN A 327 -10.86 -38.38 -12.53
N ILE A 328 -9.78 -39.02 -12.96
CA ILE A 328 -8.74 -38.29 -13.67
C ILE A 328 -9.29 -37.67 -14.96
N MET A 329 -10.14 -38.42 -15.67
CA MET A 329 -10.62 -37.91 -16.94
C MET A 329 -11.65 -36.80 -16.75
N VAL A 330 -12.47 -36.89 -15.69
CA VAL A 330 -13.41 -35.80 -15.44
C VAL A 330 -12.67 -34.55 -14.96
N VAL A 331 -11.62 -34.72 -14.17
CA VAL A 331 -10.85 -33.56 -13.72
C VAL A 331 -10.09 -32.95 -14.91
N GLY A 332 -9.70 -33.79 -15.86
CA GLY A 332 -9.11 -33.26 -17.08
C GLY A 332 -10.11 -32.49 -17.91
N ILE A 333 -11.36 -32.95 -17.97
CA ILE A 333 -12.40 -32.20 -18.65
C ILE A 333 -12.61 -30.84 -17.98
N LEU A 334 -12.63 -30.82 -16.64
CA LEU A 334 -12.80 -29.56 -15.93
C LEU A 334 -11.59 -28.64 -16.10
N CYS A 335 -10.41 -29.22 -16.29
CA CYS A 335 -9.20 -28.41 -16.40
C CYS A 335 -9.17 -27.57 -17.67
N GLY A 336 -10.06 -27.84 -18.62
CA GLY A 336 -10.14 -27.04 -19.83
C GLY A 336 -10.95 -25.78 -19.67
N ILE A 337 -10.71 -25.05 -18.58
CA ILE A 337 -11.40 -23.79 -18.31
C ILE A 337 -10.35 -22.74 -18.03
N GLY A 338 -10.31 -21.69 -18.85
CA GLY A 338 -9.39 -20.59 -18.62
C GLY A 338 -10.07 -19.38 -18.04
N PHE A 339 -11.22 -19.02 -18.59
CA PHE A 339 -12.01 -17.87 -18.15
C PHE A 339 -11.16 -16.62 -17.96
N THR A 340 -11.06 -16.14 -16.71
CA THR A 340 -10.35 -14.88 -16.45
C THR A 340 -8.87 -14.99 -16.78
N MET A 341 -8.24 -16.11 -16.42
CA MET A 341 -6.81 -16.25 -16.67
C MET A 341 -6.51 -16.27 -18.17
N SER A 342 -7.31 -17.01 -18.94
CA SER A 342 -7.12 -17.05 -20.38
C SER A 342 -7.42 -15.70 -21.01
N ILE A 343 -8.42 -14.98 -20.49
CA ILE A 343 -8.73 -13.65 -21.00
C ILE A 343 -7.54 -12.72 -20.76
N PHE A 344 -6.93 -12.79 -19.58
CA PHE A 344 -5.77 -11.97 -19.28
C PHE A 344 -4.61 -12.32 -20.19
N ILE A 345 -4.39 -13.61 -20.44
CA ILE A 345 -3.31 -14.02 -21.34
C ILE A 345 -3.55 -13.49 -22.75
N ALA A 346 -4.80 -13.57 -23.22
CA ALA A 346 -5.13 -13.05 -24.54
C ALA A 346 -4.89 -11.55 -24.62
N SER A 347 -5.30 -10.81 -23.58
CA SER A 347 -5.07 -9.37 -23.57
C SER A 347 -3.58 -9.05 -23.57
N LEU A 348 -2.79 -9.81 -22.81
CA LEU A 348 -1.35 -9.57 -22.75
C LEU A 348 -0.70 -9.85 -24.10
N ALA A 349 -1.11 -10.92 -24.77
CA ALA A 349 -0.48 -11.30 -26.04
C ALA A 349 -0.93 -10.41 -27.20
N PHE A 350 -2.12 -9.83 -27.13
CA PHE A 350 -2.70 -9.05 -28.22
C PHE A 350 -2.75 -7.57 -27.89
N GLY A 351 -1.72 -7.05 -27.23
CA GLY A 351 -1.66 -5.62 -26.97
C GLY A 351 -1.36 -4.82 -28.22
N SER A 352 -1.79 -3.55 -28.19
CA SER A 352 -1.62 -2.64 -29.33
C SER A 352 -2.20 -3.24 -30.61
N VAL A 353 -3.40 -3.80 -30.49
CA VAL A 353 -4.07 -4.50 -31.58
C VAL A 353 -5.50 -3.98 -31.67
N ASP A 354 -6.02 -3.91 -32.89
CA ASP A 354 -7.38 -3.41 -33.09
C ASP A 354 -8.37 -4.25 -32.29
N PRO A 355 -9.41 -3.64 -31.73
CA PRO A 355 -10.25 -4.35 -30.76
C PRO A 355 -11.00 -5.54 -31.31
N GLU A 356 -11.11 -5.68 -32.64
CA GLU A 356 -11.86 -6.80 -33.21
C GLU A 356 -11.24 -8.14 -32.81
N LEU A 357 -9.92 -8.25 -32.90
CA LEU A 357 -9.26 -9.50 -32.54
C LEU A 357 -9.45 -9.84 -31.07
N ILE A 358 -9.29 -8.86 -30.19
CA ILE A 358 -9.44 -9.12 -28.77
C ILE A 358 -10.89 -9.50 -28.45
N ASN A 359 -11.85 -8.82 -29.08
CA ASN A 359 -13.25 -9.14 -28.86
C ASN A 359 -13.57 -10.56 -29.31
N TRP A 360 -13.06 -10.96 -30.49
CA TRP A 360 -13.32 -12.31 -30.96
C TRP A 360 -12.67 -13.36 -30.05
N ALA A 361 -11.45 -13.08 -29.60
CA ALA A 361 -10.78 -14.02 -28.69
C ALA A 361 -11.56 -14.16 -27.38
N LYS A 362 -12.05 -13.05 -26.84
CA LYS A 362 -12.83 -13.11 -25.60
C LYS A 362 -14.12 -13.87 -25.82
N LEU A 363 -14.78 -13.67 -26.95
CA LEU A 363 -16.01 -14.41 -27.24
C LEU A 363 -15.74 -15.91 -27.31
N GLY A 364 -14.67 -16.30 -28.01
CA GLY A 364 -14.33 -17.70 -28.10
C GLY A 364 -13.99 -18.30 -26.75
N ILE A 365 -13.23 -17.56 -25.93
CA ILE A 365 -12.87 -18.05 -24.61
C ILE A 365 -14.11 -18.26 -23.75
N LEU A 366 -15.03 -17.29 -23.78
CA LEU A 366 -16.25 -17.42 -22.99
C LEU A 366 -17.07 -18.63 -23.42
N VAL A 367 -17.24 -18.81 -24.74
CA VAL A 367 -18.03 -19.94 -25.22
C VAL A 367 -17.38 -21.25 -24.81
N GLY A 368 -16.06 -21.37 -25.00
CA GLY A 368 -15.38 -22.60 -24.65
C GLY A 368 -15.44 -22.91 -23.16
N SER A 369 -15.24 -21.89 -22.32
CA SER A 369 -15.29 -22.10 -20.88
C SER A 369 -16.69 -22.54 -20.44
N ILE A 370 -17.72 -21.88 -20.95
CA ILE A 370 -19.09 -22.25 -20.56
C ILE A 370 -19.39 -23.68 -20.99
N SER A 371 -19.04 -24.03 -22.23
CA SER A 371 -19.34 -25.36 -22.73
C SER A 371 -18.59 -26.42 -21.93
N SER A 372 -17.31 -26.19 -21.65
CA SER A 372 -16.53 -27.16 -20.90
C SER A 372 -17.08 -27.33 -19.48
N ALA A 373 -17.45 -26.21 -18.83
CA ALA A 373 -17.98 -26.29 -17.48
C ALA A 373 -19.28 -27.08 -17.44
N VAL A 374 -20.19 -26.81 -18.40
CA VAL A 374 -21.48 -27.49 -18.38
C VAL A 374 -21.30 -28.97 -18.71
N ILE A 375 -20.38 -29.29 -19.62
CA ILE A 375 -20.13 -30.69 -19.95
C ILE A 375 -19.56 -31.43 -18.76
N GLY A 376 -18.63 -30.80 -18.05
CA GLY A 376 -18.05 -31.45 -16.89
C GLY A 376 -19.04 -31.66 -15.76
N TYR A 377 -19.84 -30.62 -15.47
CA TYR A 377 -20.82 -30.75 -14.39
C TYR A 377 -21.93 -31.73 -14.77
N SER A 378 -22.18 -31.91 -16.06
CA SER A 378 -23.15 -32.91 -16.49
C SER A 378 -22.65 -34.32 -16.19
N TRP A 379 -21.34 -34.52 -16.24
CA TRP A 379 -20.75 -35.84 -16.12
C TRP A 379 -20.12 -36.07 -14.74
N LEU A 380 -20.74 -35.56 -13.68
CA LEU A 380 -20.36 -35.92 -12.33
C LEU A 380 -21.44 -36.81 -11.73
N ARG A 381 -22.08 -37.62 -12.58
CA ARG A 381 -23.16 -38.53 -12.22
C ARG A 381 -24.45 -37.78 -11.91
N VAL A 382 -24.38 -36.45 -11.86
CA VAL A 382 -25.54 -35.61 -11.57
C VAL A 382 -25.21 -34.16 -11.86
N ASP B 11 8.99 1.73 26.01
CA ASP B 11 9.60 3.01 25.67
C ASP B 11 11.09 2.88 25.46
N ALA B 12 11.48 2.50 24.24
CA ALA B 12 12.89 2.36 23.91
C ALA B 12 13.56 3.73 23.84
N SER B 13 14.90 3.72 23.86
CA SER B 13 15.66 4.96 23.84
C SER B 13 15.40 5.74 22.56
N GLY B 14 15.83 5.20 21.42
CA GLY B 14 15.62 5.85 20.14
C GLY B 14 16.22 7.25 20.08
N GLY B 15 15.82 7.97 19.03
CA GLY B 15 16.24 9.34 18.85
C GLY B 15 17.61 9.47 18.21
N ILE B 16 18.48 8.49 18.47
CA ILE B 16 19.81 8.51 17.84
C ILE B 16 19.67 8.36 16.34
N ILE B 17 18.68 7.59 15.88
CA ILE B 17 18.44 7.47 14.44
C ILE B 17 18.06 8.82 13.86
N LEU B 18 17.16 9.54 14.53
CA LEU B 18 16.77 10.87 14.06
C LEU B 18 17.96 11.83 14.03
N ILE B 19 18.78 11.80 15.08
CA ILE B 19 19.94 12.69 15.14
C ILE B 19 20.91 12.38 14.00
N ILE B 20 21.18 11.09 13.78
CA ILE B 20 22.13 10.72 12.75
C ILE B 20 21.58 11.05 11.36
N ALA B 21 20.27 10.88 11.15
CA ALA B 21 19.68 11.26 9.88
C ALA B 21 19.78 12.76 9.65
N ALA B 22 19.51 13.55 10.70
CA ALA B 22 19.59 15.00 10.56
C ALA B 22 21.00 15.45 10.24
N ILE B 23 22.00 14.91 10.95
CA ILE B 23 23.38 15.34 10.70
C ILE B 23 23.84 14.87 9.33
N LEU B 24 23.40 13.68 8.90
CA LEU B 24 23.75 13.21 7.57
C LEU B 24 23.16 14.11 6.50
N ALA B 25 21.89 14.52 6.66
CA ALA B 25 21.29 15.42 5.69
C ALA B 25 22.00 16.77 5.67
N MET B 26 22.38 17.28 6.85
CA MET B 26 23.07 18.57 6.92
C MET B 26 24.41 18.50 6.21
N ILE B 27 25.20 17.45 6.48
CA ILE B 27 26.52 17.37 5.87
C ILE B 27 26.40 17.09 4.37
N MET B 28 25.36 16.38 3.94
CA MET B 28 25.16 16.19 2.51
C MET B 28 24.82 17.51 1.82
N ALA B 29 23.92 18.29 2.42
CA ALA B 29 23.51 19.56 1.81
C ALA B 29 24.64 20.56 1.77
N ASN B 30 25.40 20.69 2.87
CA ASN B 30 26.42 21.72 2.98
C ASN B 30 27.79 21.27 2.48
N SER B 31 27.90 20.05 1.94
CA SER B 31 29.18 19.55 1.50
C SER B 31 29.64 20.26 0.23
N GLY B 32 30.91 20.08 -0.10
CA GLY B 32 31.48 20.76 -1.25
C GLY B 32 30.89 20.29 -2.57
N ALA B 33 30.70 18.99 -2.73
CA ALA B 33 30.32 18.41 -4.02
C ALA B 33 29.18 17.42 -3.88
N THR B 34 28.16 17.78 -3.09
CA THR B 34 26.92 17.01 -3.09
C THR B 34 25.67 17.86 -3.06
N SER B 35 25.76 19.17 -2.76
CA SER B 35 24.61 20.04 -2.87
C SER B 35 24.10 20.11 -4.31
N GLY B 36 25.02 20.04 -5.28
CA GLY B 36 24.63 20.11 -6.67
C GLY B 36 23.63 19.04 -7.06
N TRP B 37 23.64 17.91 -6.35
CA TRP B 37 22.66 16.86 -6.56
CA TRP B 37 22.66 16.86 -6.57
C TRP B 37 21.52 16.90 -5.57
N TYR B 38 21.82 17.24 -4.31
CA TYR B 38 20.77 17.25 -3.28
C TYR B 38 19.69 18.28 -3.60
N HIS B 39 20.09 19.47 -4.05
CA HIS B 39 19.10 20.49 -4.37
C HIS B 39 18.29 20.10 -5.60
N ASP B 40 18.95 19.57 -6.64
CA ASP B 40 18.25 19.25 -7.87
C ASP B 40 17.36 18.02 -7.74
N PHE B 41 17.66 17.12 -6.81
CA PHE B 41 16.82 15.93 -6.67
C PHE B 41 15.45 16.25 -6.10
N LEU B 42 15.37 17.25 -5.22
CA LEU B 42 14.11 17.58 -4.56
C LEU B 42 13.26 18.57 -5.34
N GLU B 43 13.75 19.08 -6.47
CA GLU B 43 12.99 20.02 -7.29
C GLU B 43 12.56 19.40 -8.62
N THR B 44 12.55 18.08 -8.72
CA THR B 44 12.10 17.44 -9.95
C THR B 44 10.58 17.43 -9.99
N PRO B 45 9.96 18.05 -10.99
CA PRO B 45 8.50 18.06 -11.05
C PRO B 45 7.95 16.68 -11.34
N VAL B 46 6.72 16.45 -10.87
CA VAL B 46 6.00 15.20 -11.10
C VAL B 46 4.59 15.57 -11.52
N GLN B 47 4.15 15.06 -12.67
CA GLN B 47 2.84 15.36 -13.23
C GLN B 47 2.10 14.05 -13.48
N LEU B 48 0.88 13.97 -12.97
CA LEU B 48 0.00 12.84 -13.21
C LEU B 48 -1.30 13.33 -13.81
N ARG B 49 -1.78 12.63 -14.84
CA ARG B 49 -2.98 13.04 -15.54
C ARG B 49 -3.76 11.81 -15.98
N VAL B 50 -5.07 12.00 -16.14
CA VAL B 50 -5.96 10.95 -16.64
C VAL B 50 -6.75 11.52 -17.81
N GLY B 51 -6.16 12.47 -18.52
CA GLY B 51 -6.87 13.24 -19.51
C GLY B 51 -7.55 14.47 -18.96
N SER B 52 -7.69 14.57 -17.65
CA SER B 52 -8.24 15.73 -16.97
C SER B 52 -7.71 15.72 -15.54
N LEU B 53 -8.06 16.75 -14.78
CA LEU B 53 -7.62 16.94 -13.40
C LEU B 53 -6.13 16.62 -13.24
N GLU B 54 -5.32 17.38 -13.97
CA GLU B 54 -3.88 17.23 -13.89
C GLU B 54 -3.38 17.61 -12.51
N ILE B 55 -2.40 16.86 -12.00
CA ILE B 55 -1.77 17.13 -10.72
C ILE B 55 -0.28 17.28 -10.96
N ASN B 56 0.24 18.47 -10.69
CA ASN B 56 1.65 18.78 -10.88
C ASN B 56 2.23 19.28 -9.56
N LYS B 57 3.23 18.56 -9.04
CA LYS B 57 3.79 18.90 -7.74
C LYS B 57 5.23 18.44 -7.67
N ASN B 58 5.98 18.99 -6.73
CA ASN B 58 7.33 18.53 -6.48
C ASN B 58 7.30 17.25 -5.65
N MET B 59 8.29 16.39 -5.90
CA MET B 59 8.33 15.09 -5.22
C MET B 59 8.43 15.24 -3.71
N LEU B 60 9.07 16.31 -3.25
CA LEU B 60 9.13 16.57 -1.81
C LEU B 60 7.74 16.70 -1.22
N LEU B 61 6.82 17.34 -1.94
CA LEU B 61 5.45 17.47 -1.46
C LEU B 61 4.79 16.11 -1.33
N TRP B 62 4.99 15.22 -2.31
CA TRP B 62 4.41 13.88 -2.22
C TRP B 62 4.96 13.12 -1.03
N ILE B 63 6.28 13.19 -0.82
CA ILE B 63 6.90 12.47 0.29
C ILE B 63 6.34 12.99 1.61
N ASN B 64 6.29 14.31 1.76
CA ASN B 64 5.78 14.91 2.99
C ASN B 64 4.32 14.52 3.22
N ASP B 65 3.51 14.55 2.16
CA ASP B 65 2.09 14.20 2.30
C ASP B 65 1.93 12.76 2.79
N ALA B 66 2.65 11.82 2.17
CA ALA B 66 2.51 10.43 2.56
C ALA B 66 2.97 10.21 4.00
N LEU B 67 4.18 10.70 4.33
CA LEU B 67 4.72 10.46 5.66
C LEU B 67 3.85 11.10 6.74
N MET B 68 3.41 12.34 6.52
CA MET B 68 2.56 13.00 7.50
C MET B 68 1.19 12.34 7.60
N ALA B 69 0.66 11.83 6.49
CA ALA B 69 -0.62 11.11 6.57
C ALA B 69 -0.51 9.88 7.45
N VAL B 70 0.57 9.10 7.28
CA VAL B 70 0.74 7.90 8.10
C VAL B 70 0.94 8.29 9.57
N PHE B 71 1.80 9.29 9.82
CA PHE B 71 2.07 9.68 11.19
C PHE B 71 0.82 10.20 11.89
N PHE B 72 0.01 11.00 11.18
CA PHE B 72 -1.19 11.53 11.80
C PHE B 72 -2.28 10.48 11.92
N LEU B 73 -2.28 9.45 11.07
CA LEU B 73 -3.14 8.30 11.32
C LEU B 73 -2.78 7.63 12.64
N LEU B 74 -1.48 7.44 12.88
CA LEU B 74 -1.06 6.88 14.16
C LEU B 74 -1.47 7.78 15.33
N VAL B 75 -1.30 9.09 15.17
CA VAL B 75 -1.63 10.02 16.24
C VAL B 75 -3.13 9.99 16.53
N GLY B 76 -3.96 9.94 15.49
CA GLY B 76 -5.39 9.85 15.69
C GLY B 76 -5.79 8.55 16.37
N LEU B 77 -5.14 7.45 16.02
CA LEU B 77 -5.39 6.20 16.71
C LEU B 77 -5.06 6.31 18.19
N GLU B 78 -3.93 6.94 18.51
CA GLU B 78 -3.55 7.14 19.91
C GLU B 78 -4.57 8.01 20.63
N VAL B 79 -5.05 9.06 19.96
CA VAL B 79 -6.05 9.95 20.56
C VAL B 79 -7.31 9.18 20.88
N LYS B 80 -7.79 8.37 19.93
CA LYS B 80 -9.00 7.60 20.18
C LYS B 80 -8.80 6.60 21.30
N ARG B 81 -7.62 5.97 21.36
CA ARG B 81 -7.34 5.02 22.44
C ARG B 81 -7.35 5.71 23.80
N GLU B 82 -6.75 6.89 23.90
CA GLU B 82 -6.60 7.55 25.19
C GLU B 82 -7.79 8.40 25.59
N LEU B 83 -8.70 8.71 24.68
CA LEU B 83 -9.81 9.61 25.03
C LEU B 83 -10.86 8.91 25.87
N MET B 84 -11.18 7.65 25.55
CA MET B 84 -12.26 6.96 26.24
C MET B 84 -11.79 6.07 27.38
N GLN B 85 -10.54 5.60 27.35
CA GLN B 85 -10.07 4.72 28.40
C GLN B 85 -8.65 5.04 28.85
N GLY B 86 -8.08 6.17 28.44
CA GLY B 86 -6.72 6.51 28.83
C GLY B 86 -6.64 7.65 29.83
N SER B 87 -5.64 8.51 29.67
CA SER B 87 -5.46 9.63 30.60
C SER B 87 -6.60 10.63 30.48
N LEU B 88 -7.12 10.84 29.27
CA LEU B 88 -8.21 11.80 29.08
C LEU B 88 -9.44 11.39 29.87
N ALA B 89 -9.79 10.11 29.83
CA ALA B 89 -10.91 9.52 30.59
C ALA B 89 -12.16 10.35 30.30
N SER B 90 -12.94 10.74 31.31
CA SER B 90 -14.14 11.52 31.09
C SER B 90 -14.44 12.29 32.38
N LEU B 91 -15.65 12.85 32.46
CA LEU B 91 -16.10 13.64 33.61
C LEU B 91 -15.16 14.81 33.87
N ARG B 92 -14.67 15.41 32.79
CA ARG B 92 -13.79 16.58 32.79
C ARG B 92 -12.68 16.49 33.84
N GLN B 93 -12.19 15.27 34.10
CA GLN B 93 -11.11 15.08 35.05
C GLN B 93 -9.73 15.31 34.44
N ALA B 94 -9.63 15.36 33.12
CA ALA B 94 -8.36 15.68 32.46
C ALA B 94 -8.25 17.17 32.15
N ALA B 95 -8.45 17.99 33.18
CA ALA B 95 -8.37 19.44 32.98
C ALA B 95 -6.94 19.92 32.85
N PHE B 96 -5.99 19.23 33.48
CA PHE B 96 -4.60 19.69 33.44
C PHE B 96 -4.01 19.71 32.04
N PRO B 97 -4.05 18.62 31.25
CA PRO B 97 -3.48 18.70 29.90
C PRO B 97 -4.21 19.67 28.99
N VAL B 98 -5.53 19.79 29.13
CA VAL B 98 -6.27 20.73 28.29
C VAL B 98 -5.87 22.16 28.59
N ILE B 99 -5.76 22.50 29.88
CA ILE B 99 -5.35 23.85 30.26
C ILE B 99 -3.91 24.11 29.84
N ALA B 100 -3.05 23.10 29.94
CA ALA B 100 -1.67 23.27 29.48
C ALA B 100 -1.62 23.52 27.98
N ALA B 101 -2.44 22.80 27.20
CA ALA B 101 -2.48 23.05 25.77
C ALA B 101 -3.00 24.44 25.45
N ILE B 102 -4.03 24.89 26.19
CA ILE B 102 -4.54 26.25 26.01
C ILE B 102 -3.43 27.26 26.28
N GLY B 103 -2.62 27.01 27.31
CA GLY B 103 -1.49 27.89 27.58
C GLY B 103 -0.45 27.87 26.49
N GLY B 104 -0.17 26.69 25.93
CA GLY B 104 0.82 26.58 24.88
C GLY B 104 0.35 27.10 23.53
N MET B 105 -0.95 27.31 23.36
CA MET B 105 -1.50 27.83 22.12
C MET B 105 -1.72 29.34 22.14
N ILE B 106 -1.27 30.03 23.18
CA ILE B 106 -1.52 31.47 23.28
C ILE B 106 -0.21 32.24 23.40
N VAL B 107 0.57 31.97 24.45
CA VAL B 107 1.79 32.70 24.72
C VAL B 107 2.83 32.50 23.62
N PRO B 108 3.15 31.25 23.21
CA PRO B 108 4.15 31.11 22.13
C PRO B 108 3.77 31.79 20.84
N THR B 109 2.49 31.76 20.46
CA THR B 109 2.06 32.47 19.27
C THR B 109 2.13 33.98 19.46
N LEU B 110 1.76 34.47 20.65
CA LEU B 110 1.78 35.91 20.89
C LEU B 110 3.19 36.47 20.78
N LEU B 111 4.19 35.77 21.32
CA LEU B 111 5.56 36.24 21.21
C LEU B 111 6.03 36.28 19.77
N TYR B 112 5.67 35.27 18.98
CA TYR B 112 6.09 35.24 17.58
C TYR B 112 5.50 36.42 16.81
N LEU B 113 4.22 36.72 17.03
CA LEU B 113 3.55 37.78 16.29
C LEU B 113 3.95 39.18 16.73
N ALA B 114 4.72 39.30 17.81
CA ALA B 114 5.11 40.63 18.28
C ALA B 114 5.96 41.35 17.26
N PHE B 115 6.90 40.64 16.63
CA PHE B 115 7.82 41.26 15.67
C PHE B 115 7.33 41.19 14.23
N ASN B 116 6.48 40.22 13.90
CA ASN B 116 6.02 40.01 12.53
C ASN B 116 4.61 40.54 12.30
N TYR B 117 4.07 41.32 13.23
CA TYR B 117 2.70 41.82 13.09
C TYR B 117 2.58 42.71 11.86
N ALA B 118 3.54 43.62 11.67
CA ALA B 118 3.45 44.58 10.57
C ALA B 118 3.67 43.91 9.22
N ASP B 119 4.66 43.03 9.12
CA ASP B 119 5.00 42.44 7.83
C ASP B 119 3.94 41.43 7.42
N PRO B 120 3.38 41.54 6.22
CA PRO B 120 2.29 40.63 5.82
C PRO B 120 2.76 39.26 5.34
N ILE B 121 3.91 39.20 4.68
CA ILE B 121 4.34 37.94 4.08
C ILE B 121 4.75 36.93 5.14
N THR B 122 5.46 37.37 6.18
CA THR B 122 5.89 36.46 7.24
C THR B 122 4.81 36.22 8.28
N ARG B 123 3.72 36.98 8.27
CA ARG B 123 2.66 36.82 9.25
C ARG B 123 1.90 35.52 9.08
N GLU B 124 2.04 34.84 7.94
CA GLU B 124 1.27 33.62 7.69
C GLU B 124 1.66 32.52 8.66
N GLY B 125 2.95 32.37 8.93
CA GLY B 125 3.43 31.28 9.76
C GLY B 125 3.38 31.58 11.25
N TRP B 126 2.20 32.00 11.74
CA TRP B 126 2.06 32.32 13.15
C TRP B 126 2.06 31.09 14.04
N ALA B 127 1.83 29.91 13.47
CA ALA B 127 1.75 28.68 14.24
C ALA B 127 3.04 27.87 14.21
N ILE B 128 4.14 28.48 13.77
CA ILE B 128 5.41 27.75 13.70
C ILE B 128 5.87 27.28 15.07
N PRO B 129 5.94 28.11 16.12
CA PRO B 129 6.46 27.63 17.40
C PRO B 129 5.45 26.85 18.23
N ALA B 130 4.16 26.87 17.88
CA ALA B 130 3.17 26.13 18.65
C ALA B 130 3.34 24.62 18.48
N ALA B 131 3.85 24.19 17.34
CA ALA B 131 4.04 22.76 17.10
C ALA B 131 5.08 22.18 18.07
N THR B 132 4.85 20.93 18.47
CA THR B 132 5.71 20.26 19.43
C THR B 132 6.08 18.88 18.91
N ASP B 133 7.36 18.54 19.04
CA ASP B 133 7.83 17.21 18.65
C ASP B 133 7.58 16.22 19.79
N ILE B 134 7.26 14.99 19.41
CA ILE B 134 6.93 13.94 20.37
C ILE B 134 8.07 12.94 20.52
N ALA B 135 8.53 12.38 19.39
CA ALA B 135 9.52 11.31 19.45
C ALA B 135 10.84 11.80 20.03
N PHE B 136 11.30 12.98 19.62
CA PHE B 136 12.58 13.48 20.11
C PHE B 136 12.53 13.76 21.61
N ALA B 137 11.46 14.41 22.07
CA ALA B 137 11.33 14.70 23.49
C ALA B 137 11.21 13.41 24.31
N LEU B 138 10.43 12.45 23.81
CA LEU B 138 10.28 11.18 24.53
C LEU B 138 11.61 10.43 24.60
N GLY B 139 12.38 10.45 23.51
CA GLY B 139 13.69 9.82 23.54
C GLY B 139 14.65 10.50 24.49
N VAL B 140 14.62 11.84 24.53
CA VAL B 140 15.47 12.58 25.47
C VAL B 140 15.09 12.22 26.90
N LEU B 141 13.79 12.14 27.19
CA LEU B 141 13.36 11.73 28.52
C LEU B 141 13.80 10.30 28.84
N ALA B 142 13.67 9.40 27.87
CA ALA B 142 14.03 8.00 28.10
C ALA B 142 15.54 7.80 28.21
N LEU B 143 16.33 8.78 27.77
CA LEU B 143 17.77 8.68 27.94
C LEU B 143 18.15 8.59 29.41
N LEU B 144 17.45 9.35 30.27
CA LEU B 144 17.59 9.25 31.72
C LEU B 144 16.57 8.33 32.34
N GLY B 145 16.10 7.33 31.60
CA GLY B 145 15.02 6.48 32.05
C GLY B 145 15.40 5.50 33.14
N SER B 146 15.89 6.01 34.26
CA SER B 146 16.22 5.20 35.42
C SER B 146 15.26 5.41 36.58
N ARG B 147 14.79 6.64 36.79
CA ARG B 147 13.85 6.92 37.88
C ARG B 147 12.74 7.87 37.48
N VAL B 148 12.66 8.31 36.22
CA VAL B 148 11.63 9.25 35.80
C VAL B 148 10.26 8.60 35.92
N PRO B 149 9.28 9.25 36.53
CA PRO B 149 7.96 8.63 36.70
C PRO B 149 7.20 8.56 35.38
N LEU B 150 6.22 7.65 35.34
CA LEU B 150 5.40 7.50 34.15
C LEU B 150 4.44 8.68 33.98
N ALA B 151 4.09 9.35 35.07
CA ALA B 151 3.15 10.47 34.99
C ALA B 151 3.70 11.58 34.10
N LEU B 152 4.99 11.89 34.24
CA LEU B 152 5.60 12.91 33.40
C LEU B 152 5.54 12.49 31.93
N LYS B 153 5.80 11.23 31.64
CA LYS B 153 5.79 10.77 30.25
C LYS B 153 4.41 10.87 29.64
N ILE B 154 3.38 10.42 30.36
CA ILE B 154 2.04 10.46 29.80
C ILE B 154 1.57 11.91 29.66
N PHE B 155 1.90 12.76 30.64
CA PHE B 155 1.52 14.17 30.54
C PHE B 155 2.18 14.82 29.32
N LEU B 156 3.48 14.57 29.12
CA LEU B 156 4.18 15.17 27.99
C LEU B 156 3.59 14.70 26.68
N MET B 157 3.36 13.39 26.54
CA MET B 157 2.85 12.87 25.29
C MET B 157 1.45 13.42 24.99
N ALA B 158 0.58 13.44 26.00
CA ALA B 158 -0.76 13.96 25.78
C ALA B 158 -0.73 15.44 25.42
N LEU B 159 0.11 16.22 26.11
CA LEU B 159 0.20 17.65 25.84
C LEU B 159 0.68 17.91 24.41
N ALA B 160 1.74 17.22 24.00
CA ALA B 160 2.27 17.42 22.65
C ALA B 160 1.23 17.01 21.61
N ILE B 161 0.54 15.89 21.84
CA ILE B 161 -0.43 15.40 20.87
C ILE B 161 -1.58 16.39 20.72
N ILE B 162 -2.13 16.87 21.84
CA ILE B 162 -3.27 17.77 21.75
C ILE B 162 -2.85 19.11 21.15
N ASP B 163 -1.64 19.58 21.47
CA ASP B 163 -1.16 20.82 20.89
C ASP B 163 -1.04 20.72 19.37
N ASP B 164 -0.42 19.63 18.90
CA ASP B 164 -0.26 19.43 17.47
C ASP B 164 -1.61 19.32 16.77
N LEU B 165 -2.55 18.57 17.36
CA LEU B 165 -3.86 18.41 16.75
C LEU B 165 -4.60 19.75 16.67
N GLY B 166 -4.55 20.54 17.74
CA GLY B 166 -5.21 21.83 17.71
C GLY B 166 -4.63 22.75 16.66
N ALA B 167 -3.29 22.81 16.60
CA ALA B 167 -2.65 23.66 15.59
C ALA B 167 -3.00 23.23 14.19
N ILE B 168 -2.96 21.92 13.92
CA ILE B 168 -3.26 21.42 12.58
C ILE B 168 -4.71 21.70 12.21
N ILE B 169 -5.64 21.48 13.14
CA ILE B 169 -7.06 21.73 12.86
C ILE B 169 -7.29 23.21 12.58
N ILE B 170 -6.69 24.08 13.38
CA ILE B 170 -6.88 25.52 13.17
C ILE B 170 -6.31 25.94 11.82
N ILE B 171 -5.14 25.41 11.46
CA ILE B 171 -4.54 25.73 10.16
C ILE B 171 -5.45 25.25 9.04
N ALA B 172 -6.01 24.04 9.16
CA ALA B 172 -6.84 23.49 8.10
C ALA B 172 -8.12 24.29 7.92
N LEU B 173 -8.80 24.62 9.04
CA LEU B 173 -10.11 25.26 8.94
C LEU B 173 -9.99 26.71 8.48
N PHE B 174 -9.06 27.47 9.05
CA PHE B 174 -8.94 28.89 8.79
C PHE B 174 -7.75 29.17 7.89
N TYR B 175 -7.88 30.20 7.04
CA TYR B 175 -6.83 30.62 6.12
C TYR B 175 -6.40 29.46 5.21
N THR B 176 -7.36 28.96 4.44
CA THR B 176 -7.14 27.83 3.56
C THR B 176 -7.76 28.12 2.20
N ASN B 177 -7.24 27.43 1.19
CA ASN B 177 -7.82 27.49 -0.15
C ASN B 177 -9.10 26.67 -0.20
N ASP B 178 -9.90 26.93 -1.22
CA ASP B 178 -11.16 26.21 -1.43
C ASP B 178 -10.98 25.20 -2.54
N LEU B 179 -11.32 23.94 -2.25
CA LEU B 179 -11.19 22.88 -3.22
C LEU B 179 -12.38 22.89 -4.18
N SER B 180 -12.31 22.02 -5.18
CA SER B 180 -13.38 21.92 -6.17
C SER B 180 -14.62 21.29 -5.57
N MET B 181 -15.75 21.47 -6.26
CA MET B 181 -17.01 20.89 -5.81
C MET B 181 -16.94 19.37 -5.83
N ALA B 182 -16.33 18.80 -6.85
CA ALA B 182 -16.27 17.34 -6.97
C ALA B 182 -15.46 16.71 -5.84
N SER B 183 -14.34 17.32 -5.47
CA SER B 183 -13.52 16.77 -4.40
C SER B 183 -14.27 16.76 -3.07
N LEU B 184 -14.95 17.86 -2.74
CA LEU B 184 -15.72 17.92 -1.51
C LEU B 184 -16.89 16.96 -1.55
N GLY B 185 -17.53 16.83 -2.71
CA GLY B 185 -18.63 15.88 -2.83
C GLY B 185 -18.20 14.45 -2.62
N VAL B 186 -17.03 14.08 -3.16
CA VAL B 186 -16.51 12.74 -2.94
C VAL B 186 -16.11 12.55 -1.49
N ALA B 187 -15.47 13.55 -0.89
CA ALA B 187 -15.06 13.44 0.51
C ALA B 187 -16.25 13.43 1.46
N ALA B 188 -17.41 13.91 1.03
CA ALA B 188 -18.60 13.88 1.86
C ALA B 188 -19.36 12.57 1.77
N VAL B 189 -18.94 11.66 0.89
CA VAL B 189 -19.55 10.34 0.78
C VAL B 189 -18.72 9.27 1.44
N ALA B 190 -17.38 9.36 1.30
CA ALA B 190 -16.52 8.38 1.96
C ALA B 190 -16.64 8.45 3.48
N ILE B 191 -16.76 9.67 4.02
CA ILE B 191 -16.91 9.82 5.47
C ILE B 191 -18.21 9.20 5.94
N ALA B 192 -19.31 9.45 5.22
CA ALA B 192 -20.58 8.83 5.58
C ALA B 192 -20.51 7.32 5.43
N VAL B 193 -19.80 6.84 4.42
CA VAL B 193 -19.60 5.39 4.26
C VAL B 193 -18.85 4.83 5.46
N LEU B 194 -17.82 5.53 5.91
CA LEU B 194 -17.08 5.08 7.09
C LEU B 194 -17.98 5.06 8.33
N ALA B 195 -18.82 6.09 8.49
CA ALA B 195 -19.72 6.13 9.63
C ALA B 195 -20.70 4.97 9.60
N VAL B 196 -21.26 4.67 8.42
CA VAL B 196 -22.19 3.56 8.32
C VAL B 196 -21.48 2.24 8.60
N LEU B 197 -20.28 2.07 8.08
CA LEU B 197 -19.51 0.85 8.32
C LEU B 197 -19.22 0.66 9.80
N ASN B 198 -18.81 1.73 10.48
CA ASN B 198 -18.53 1.62 11.91
C ASN B 198 -19.80 1.35 12.70
N LEU B 199 -20.91 1.99 12.34
CA LEU B 199 -22.15 1.79 13.08
C LEU B 199 -22.66 0.37 12.93
N CYS B 200 -22.63 -0.17 11.71
CA CYS B 200 -23.15 -1.51 11.47
C CYS B 200 -22.18 -2.61 11.89
N GLY B 201 -20.95 -2.27 12.24
CA GLY B 201 -19.98 -3.26 12.66
C GLY B 201 -19.09 -3.74 11.54
N ALA B 202 -17.79 -3.54 11.69
CA ALA B 202 -16.82 -4.01 10.69
C ALA B 202 -15.48 -4.17 11.39
N ARG B 203 -15.05 -5.41 11.60
CA ARG B 203 -13.84 -5.70 12.36
C ARG B 203 -12.62 -5.87 11.47
N ARG B 204 -12.75 -5.64 10.16
CA ARG B 204 -11.62 -5.76 9.24
C ARG B 204 -11.03 -4.38 9.00
N THR B 205 -9.74 -4.22 9.34
CA THR B 205 -9.08 -2.94 9.13
C THR B 205 -8.78 -2.68 7.66
N GLY B 206 -8.82 -3.72 6.81
CA GLY B 206 -8.54 -3.52 5.40
C GLY B 206 -9.54 -2.62 4.71
N VAL B 207 -10.83 -2.80 5.04
CA VAL B 207 -11.86 -1.96 4.45
C VAL B 207 -11.66 -0.51 4.85
N TYR B 208 -11.39 -0.27 6.14
CA TYR B 208 -11.17 1.08 6.61
C TYR B 208 -9.95 1.71 5.96
N ILE B 209 -8.87 0.94 5.81
CA ILE B 209 -7.67 1.47 5.17
C ILE B 209 -7.92 1.79 3.71
N LEU B 210 -8.70 0.95 3.01
CA LEU B 210 -9.01 1.22 1.62
C LEU B 210 -9.84 2.49 1.46
N VAL B 211 -10.87 2.65 2.31
CA VAL B 211 -11.70 3.84 2.24
C VAL B 211 -10.86 5.07 2.59
N GLY B 212 -9.94 4.93 3.53
CA GLY B 212 -9.06 6.03 3.87
C GLY B 212 -8.13 6.40 2.75
N VAL B 213 -7.63 5.41 2.01
CA VAL B 213 -6.81 5.69 0.84
C VAL B 213 -7.61 6.45 -0.20
N VAL B 214 -8.86 6.03 -0.42
CA VAL B 214 -9.72 6.74 -1.36
C VAL B 214 -9.92 8.19 -0.93
N LEU B 215 -10.19 8.39 0.37
CA LEU B 215 -10.39 9.75 0.88
C LEU B 215 -9.13 10.59 0.74
N TRP B 216 -7.98 10.02 1.06
CA TRP B 216 -6.72 10.74 0.95
C TRP B 216 -6.43 11.13 -0.49
N THR B 217 -6.72 10.23 -1.44
CA THR B 217 -6.54 10.57 -2.84
C THR B 217 -7.53 11.63 -3.29
N ALA B 218 -8.71 11.67 -2.67
CA ALA B 218 -9.72 12.65 -3.08
C ALA B 218 -9.26 14.07 -2.82
N VAL B 219 -8.63 14.32 -1.67
CA VAL B 219 -8.22 15.67 -1.30
C VAL B 219 -6.71 15.80 -1.38
N LEU B 220 -6.09 15.04 -2.29
CA LEU B 220 -4.63 15.06 -2.43
C LEU B 220 -4.14 16.41 -2.94
N LYS B 221 -5.02 17.26 -3.47
CA LYS B 221 -4.59 18.54 -4.01
C LYS B 221 -3.98 19.42 -2.93
N SER B 222 -4.56 19.43 -1.74
CA SER B 222 -4.08 20.23 -0.62
C SER B 222 -3.46 19.32 0.43
N GLY B 223 -2.26 19.66 0.87
CA GLY B 223 -1.56 18.82 1.83
C GLY B 223 -2.22 18.75 3.19
N VAL B 224 -2.82 19.86 3.64
CA VAL B 224 -3.38 19.91 4.98
C VAL B 224 -4.54 18.91 5.11
N HIS B 225 -5.43 18.89 4.12
CA HIS B 225 -6.52 17.92 4.17
C HIS B 225 -6.04 16.50 3.97
N ALA B 226 -4.96 16.31 3.21
CA ALA B 226 -4.35 14.99 3.09
C ALA B 226 -3.89 14.50 4.46
N THR B 227 -3.28 15.38 5.25
CA THR B 227 -2.90 15.02 6.61
C THR B 227 -4.13 14.75 7.48
N LEU B 228 -5.18 15.58 7.33
CA LEU B 228 -6.39 15.40 8.11
C LEU B 228 -7.06 14.05 7.84
N ALA B 229 -6.88 13.53 6.62
CA ALA B 229 -7.50 12.25 6.28
C ALA B 229 -7.03 11.14 7.19
N GLY B 230 -5.72 11.10 7.48
CA GLY B 230 -5.21 10.07 8.37
C GLY B 230 -5.78 10.17 9.77
N VAL B 231 -5.92 11.39 10.29
CA VAL B 231 -6.49 11.58 11.62
C VAL B 231 -7.94 11.10 11.63
N ILE B 232 -8.71 11.44 10.59
CA ILE B 232 -10.10 11.01 10.53
C ILE B 232 -10.18 9.49 10.49
N VAL B 233 -9.34 8.85 9.67
CA VAL B 233 -9.37 7.39 9.57
C VAL B 233 -9.01 6.75 10.90
N GLY B 234 -7.99 7.26 11.57
CA GLY B 234 -7.65 6.75 12.89
C GLY B 234 -8.78 6.95 13.90
N PHE B 235 -9.52 8.04 13.77
CA PHE B 235 -10.68 8.25 14.63
C PHE B 235 -11.75 7.20 14.39
N PHE B 236 -12.01 6.87 13.12
CA PHE B 236 -13.17 6.05 12.78
C PHE B 236 -12.93 4.55 12.95
N ILE B 237 -11.70 4.10 13.10
CA ILE B 237 -11.43 2.66 13.21
C ILE B 237 -11.97 2.14 14.54
N PRO B 238 -12.66 0.99 14.57
CA PRO B 238 -13.23 0.51 15.83
C PRO B 238 -12.15 0.15 16.84
N LEU B 239 -12.51 0.28 18.12
CA LEU B 239 -11.62 -0.06 19.22
C LEU B 239 -12.27 -0.91 20.30
N LYS B 240 -13.60 -1.00 20.34
CA LYS B 240 -14.29 -1.66 21.44
C LYS B 240 -13.83 -3.10 21.60
N GLU B 241 -13.52 -3.47 22.84
CA GLU B 241 -13.00 -4.78 23.14
C GLU B 241 -14.06 -5.86 22.91
N LYS B 242 -13.70 -6.90 22.17
CA LYS B 242 -14.62 -7.99 21.90
C LYS B 242 -13.84 -9.25 21.56
N HIS B 243 -14.21 -10.37 22.18
CA HIS B 243 -13.62 -11.68 21.88
C HIS B 243 -12.12 -11.69 22.08
N GLY B 244 -11.65 -11.01 23.11
CA GLY B 244 -10.24 -11.00 23.44
C GLY B 244 -9.35 -10.40 22.37
N ARG B 245 -9.84 -9.43 21.62
CA ARG B 245 -9.04 -8.79 20.59
C ARG B 245 -9.64 -7.43 20.26
N SER B 246 -8.81 -6.56 19.69
CA SER B 246 -9.24 -5.23 19.29
C SER B 246 -8.41 -4.77 18.10
N PRO B 247 -9.05 -4.41 16.98
CA PRO B 247 -8.27 -4.01 15.80
C PRO B 247 -7.40 -2.79 16.03
N ALA B 248 -7.87 -1.84 16.84
CA ALA B 248 -7.11 -0.61 17.04
C ALA B 248 -5.79 -0.88 17.74
N LYS B 249 -5.82 -1.70 18.79
CA LYS B 249 -4.59 -1.99 19.52
C LYS B 249 -3.58 -2.75 18.65
N ARG B 250 -4.06 -3.73 17.89
CA ARG B 250 -3.18 -4.48 17.00
C ARG B 250 -2.58 -3.58 15.94
N LEU B 251 -3.39 -2.68 15.36
CA LEU B 251 -2.88 -1.76 14.36
C LEU B 251 -1.84 -0.83 14.96
N GLU B 252 -2.08 -0.32 16.17
CA GLU B 252 -1.10 0.54 16.82
C GLU B 252 0.21 -0.19 17.06
N HIS B 253 0.13 -1.43 17.56
CA HIS B 253 1.34 -2.21 17.81
CA HIS B 253 1.34 -2.21 17.81
C HIS B 253 2.10 -2.48 16.52
N VAL B 254 1.38 -2.79 15.44
CA VAL B 254 2.05 -3.03 14.16
C VAL B 254 2.72 -1.76 13.65
N LEU B 255 2.02 -0.63 13.74
CA LEU B 255 2.51 0.62 13.16
C LEU B 255 3.63 1.26 13.99
N HIS B 256 3.71 0.96 15.28
CA HIS B 256 4.66 1.66 16.14
C HIS B 256 6.11 1.50 15.70
N PRO B 257 6.62 0.29 15.42
CA PRO B 257 8.03 0.20 14.98
C PRO B 257 8.32 0.92 13.67
N TRP B 258 7.36 0.95 12.75
CA TRP B 258 7.62 1.56 11.45
C TRP B 258 7.80 3.06 11.55
N VAL B 259 6.97 3.71 12.37
CA VAL B 259 7.02 5.17 12.46
C VAL B 259 8.33 5.64 13.06
N ALA B 260 8.79 4.97 14.12
CA ALA B 260 9.98 5.42 14.83
C ALA B 260 11.28 4.96 14.18
N TYR B 261 11.22 4.14 13.13
CA TYR B 261 12.42 3.59 12.51
C TYR B 261 12.57 3.89 11.04
N LEU B 262 11.47 4.11 10.31
CA LEU B 262 11.55 4.37 8.88
C LEU B 262 10.99 5.72 8.49
N ILE B 263 9.78 6.06 8.93
CA ILE B 263 9.12 7.28 8.44
C ILE B 263 9.80 8.52 8.99
N LEU B 264 9.99 8.57 10.32
CA LEU B 264 10.55 9.78 10.92
C LEU B 264 11.99 10.04 10.49
N PRO B 265 12.92 9.07 10.51
CA PRO B 265 14.27 9.38 10.01
C PRO B 265 14.30 9.77 8.55
N LEU B 266 13.46 9.15 7.72
CA LEU B 266 13.41 9.53 6.31
C LEU B 266 12.91 10.96 6.15
N PHE B 267 11.89 11.34 6.90
CA PHE B 267 11.39 12.72 6.85
C PHE B 267 12.45 13.70 7.33
N ALA B 268 13.17 13.34 8.39
CA ALA B 268 14.23 14.21 8.89
C ALA B 268 15.33 14.38 7.86
N PHE B 269 15.71 13.29 7.17
CA PHE B 269 16.72 13.37 6.13
C PHE B 269 16.25 14.21 4.96
N ALA B 270 14.96 14.13 4.64
CA ALA B 270 14.44 14.86 3.49
C ALA B 270 14.26 16.35 3.77
N ASN B 271 13.90 16.72 5.00
CA ASN B 271 13.55 18.11 5.28
C ASN B 271 14.44 18.76 6.33
N ALA B 272 15.75 18.55 6.24
CA ALA B 272 16.68 19.25 7.12
C ALA B 272 17.91 19.74 6.38
N GLY B 273 17.87 19.79 5.06
CA GLY B 273 19.02 20.17 4.27
C GLY B 273 19.16 21.67 4.04
N VAL B 274 19.53 22.39 5.09
CA VAL B 274 19.77 23.82 4.95
C VAL B 274 21.21 24.05 4.53
N SER B 275 21.47 25.21 3.93
CA SER B 275 22.79 25.56 3.43
C SER B 275 23.41 26.59 4.35
N LEU B 276 24.59 26.28 4.89
CA LEU B 276 25.33 27.20 5.76
C LEU B 276 26.31 28.03 4.94
N GLY B 277 25.76 28.68 3.91
CA GLY B 277 26.56 29.52 3.04
C GLY B 277 26.25 31.00 3.21
N GLY B 278 27.22 31.76 3.70
CA GLY B 278 27.03 33.18 3.89
C GLY B 278 26.16 33.56 5.07
N VAL B 279 26.00 32.68 6.05
CA VAL B 279 25.20 32.99 7.23
C VAL B 279 25.95 34.02 8.06
N THR B 280 25.28 35.15 8.34
CA THR B 280 25.90 36.24 9.10
C THR B 280 24.91 36.74 10.13
N LEU B 281 25.43 37.15 11.29
CA LEU B 281 24.63 37.68 12.39
C LEU B 281 23.55 36.69 12.82
N ASP B 282 23.91 35.41 12.86
CA ASP B 282 23.01 34.32 13.25
C ASP B 282 21.80 34.36 12.33
N GLY B 283 20.58 34.59 12.83
CA GLY B 283 19.43 34.70 11.98
C GLY B 283 19.27 36.09 11.42
N LEU B 284 20.40 36.76 11.14
CA LEU B 284 20.46 38.13 10.65
C LEU B 284 19.75 39.12 11.57
N THR B 285 19.44 38.71 12.80
CA THR B 285 18.66 39.53 13.73
C THR B 285 17.37 40.01 13.08
N SER B 286 16.76 39.14 12.28
CA SER B 286 15.58 39.49 11.51
C SER B 286 14.34 39.44 12.40
N ILE B 287 13.17 39.45 11.79
CA ILE B 287 11.92 39.34 12.55
C ILE B 287 11.45 37.90 12.63
N LEU B 288 11.54 37.16 11.52
CA LEU B 288 11.01 35.79 11.52
C LEU B 288 11.84 34.84 12.37
N PRO B 289 13.16 34.69 12.17
CA PRO B 289 13.91 33.76 13.03
C PRO B 289 13.90 34.17 14.50
N LEU B 290 13.97 35.48 14.78
CA LEU B 290 13.90 35.93 16.17
C LEU B 290 12.56 35.60 16.79
N GLY B 291 11.48 35.82 16.05
CA GLY B 291 10.16 35.45 16.57
C GLY B 291 10.03 33.97 16.81
N ILE B 292 10.56 33.15 15.91
CA ILE B 292 10.50 31.71 16.07
C ILE B 292 11.27 31.29 17.32
N ILE B 293 12.47 31.84 17.50
CA ILE B 293 13.28 31.48 18.66
CA ILE B 293 13.29 31.50 18.66
C ILE B 293 12.59 31.92 19.95
N ALA B 294 12.05 33.13 19.98
CA ALA B 294 11.38 33.62 21.18
C ALA B 294 10.16 32.77 21.51
N GLY B 295 9.38 32.39 20.50
CA GLY B 295 8.22 31.57 20.75
C GLY B 295 8.57 30.18 21.23
N MET B 296 9.57 29.55 20.61
CA MET B 296 9.89 28.17 20.94
C MET B 296 10.67 28.03 22.25
N LEU B 297 11.51 29.00 22.59
CA LEU B 297 12.40 28.88 23.74
C LEU B 297 11.82 29.50 25.01
N ILE B 298 11.28 30.71 24.91
CA ILE B 298 10.78 31.44 26.07
C ILE B 298 9.27 31.30 26.22
N GLY B 299 8.53 31.43 25.12
CA GLY B 299 7.08 31.46 25.21
C GLY B 299 6.49 30.16 25.72
N LYS B 300 6.96 29.03 25.19
CA LYS B 300 6.36 27.74 25.52
C LYS B 300 6.48 27.40 27.00
N PRO B 301 7.68 27.37 27.61
CA PRO B 301 7.76 26.94 29.01
C PRO B 301 7.11 27.93 29.96
N LEU B 302 7.31 29.23 29.73
CA LEU B 302 6.69 30.24 30.57
C LEU B 302 5.17 30.14 30.52
N GLY B 303 4.61 30.01 29.32
CA GLY B 303 3.17 29.88 29.20
C GLY B 303 2.65 28.63 29.87
N ILE B 304 3.32 27.50 29.65
CA ILE B 304 2.88 26.24 30.25
C ILE B 304 2.88 26.35 31.77
N SER B 305 3.99 26.83 32.34
CA SER B 305 4.09 26.92 33.80
C SER B 305 3.06 27.90 34.36
N LEU B 306 2.89 29.05 33.72
CA LEU B 306 1.94 30.03 34.22
C LEU B 306 0.52 29.49 34.22
N PHE B 307 0.09 28.91 33.10
CA PHE B 307 -1.28 28.44 33.02
C PHE B 307 -1.51 27.21 33.90
N CYS B 308 -0.48 26.39 34.11
CA CYS B 308 -0.62 25.31 35.09
C CYS B 308 -0.79 25.88 36.50
N TRP B 309 -0.07 26.96 36.81
CA TRP B 309 -0.22 27.59 38.12
C TRP B 309 -1.64 28.09 38.32
N LEU B 310 -2.19 28.80 37.32
CA LEU B 310 -3.58 29.22 37.44
C LEU B 310 -4.53 28.03 37.51
N ALA B 311 -4.21 26.93 36.81
CA ALA B 311 -5.05 25.73 36.91
C ALA B 311 -5.09 25.22 38.34
N LEU B 312 -3.95 25.16 39.00
CA LEU B 312 -3.93 24.73 40.40
C LEU B 312 -4.66 25.73 41.30
N ARG B 313 -4.58 27.02 40.98
CA ARG B 313 -4.96 28.05 41.94
C ARG B 313 -6.44 27.97 42.32
N LEU B 314 -7.32 27.93 41.32
CA LEU B 314 -8.76 28.06 41.55
C LEU B 314 -9.48 26.71 41.58
N LYS B 315 -8.83 25.69 42.14
CA LYS B 315 -9.40 24.35 42.27
C LYS B 315 -9.79 23.75 40.93
N LEU B 316 -9.28 24.32 39.84
CA LEU B 316 -9.61 23.80 38.52
C LEU B 316 -9.08 22.39 38.32
N ALA B 317 -7.87 22.13 38.82
CA ALA B 317 -7.26 20.81 38.65
C ALA B 317 -6.31 20.55 39.81
N HIS B 318 -6.03 19.27 40.02
CA HIS B 318 -5.06 18.83 41.02
C HIS B 318 -3.85 18.24 40.32
N LEU B 319 -2.67 18.52 40.84
CA LEU B 319 -1.45 18.00 40.24
C LEU B 319 -1.45 16.48 40.33
N PRO B 320 -0.94 15.79 39.31
CA PRO B 320 -0.90 14.32 39.36
C PRO B 320 0.04 13.81 40.44
N GLU B 321 0.13 12.49 40.60
CA GLU B 321 1.03 11.92 41.60
C GLU B 321 2.47 12.09 41.17
N GLY B 322 3.32 12.43 42.13
CA GLY B 322 4.76 12.56 41.87
C GLY B 322 5.14 13.67 40.91
N THR B 323 4.54 14.85 41.06
CA THR B 323 4.94 16.01 40.27
C THR B 323 5.45 17.16 41.12
N THR B 324 4.68 17.62 42.11
CA THR B 324 5.05 18.66 43.05
C THR B 324 5.38 19.99 42.38
N TYR B 325 5.09 20.14 41.09
CA TYR B 325 5.32 21.34 40.27
C TYR B 325 6.80 21.63 40.05
N GLN B 326 7.71 20.87 40.66
CA GLN B 326 9.13 21.11 40.39
C GLN B 326 9.52 20.59 39.02
N GLN B 327 8.98 19.45 38.61
CA GLN B 327 9.27 18.87 37.31
C GLN B 327 8.48 19.49 36.18
N ILE B 328 7.48 20.31 36.48
CA ILE B 328 6.65 20.88 35.43
C ILE B 328 7.45 21.88 34.60
N MET B 329 8.34 22.64 35.23
CA MET B 329 9.14 23.60 34.47
C MET B 329 10.06 22.90 33.48
N VAL B 330 10.68 21.79 33.90
CA VAL B 330 11.58 21.09 32.99
C VAL B 330 10.77 20.35 31.92
N VAL B 331 9.58 19.86 32.25
CA VAL B 331 8.77 19.22 31.21
C VAL B 331 8.31 20.25 30.20
N GLY B 332 8.04 21.49 30.64
CA GLY B 332 7.72 22.53 29.69
C GLY B 332 8.90 22.91 28.81
N ILE B 333 10.10 22.98 29.41
CA ILE B 333 11.29 23.27 28.62
C ILE B 333 11.51 22.20 27.56
N LEU B 334 11.32 20.93 27.93
CA LEU B 334 11.41 19.85 26.96
C LEU B 334 10.33 19.97 25.90
N CYS B 335 9.10 20.33 26.30
CA CYS B 335 8.00 20.49 25.36
C CYS B 335 8.23 21.64 24.39
N GLY B 336 9.11 22.59 24.74
CA GLY B 336 9.44 23.65 23.82
C GLY B 336 10.40 23.24 22.74
N ILE B 337 10.16 22.10 22.10
CA ILE B 337 11.00 21.58 21.03
C ILE B 337 10.11 21.27 19.84
N GLY B 338 10.31 21.99 18.74
CA GLY B 338 9.55 21.75 17.52
C GLY B 338 10.20 20.72 16.62
N PHE B 339 11.43 21.00 16.20
CA PHE B 339 12.20 20.13 15.31
C PHE B 339 11.39 19.70 14.09
N THR B 340 11.08 18.40 14.00
CA THR B 340 10.47 17.86 12.79
C THR B 340 9.07 18.45 12.56
N MET B 341 8.25 18.50 13.60
CA MET B 341 6.88 18.99 13.43
C MET B 341 6.87 20.47 13.04
N SER B 342 7.71 21.28 13.68
CA SER B 342 7.76 22.69 13.33
C SER B 342 8.33 22.90 11.94
N ILE B 343 9.30 22.08 11.53
CA ILE B 343 9.82 22.16 10.17
C ILE B 343 8.73 21.85 9.16
N PHE B 344 7.94 20.80 9.42
CA PHE B 344 6.84 20.48 8.52
C PHE B 344 5.80 21.59 8.47
N ILE B 345 5.48 22.18 9.63
CA ILE B 345 4.51 23.27 9.66
C ILE B 345 5.02 24.46 8.87
N ALA B 346 6.31 24.79 9.01
CA ALA B 346 6.89 25.88 8.25
C ALA B 346 6.83 25.60 6.75
N SER B 347 7.15 24.37 6.36
CA SER B 347 7.09 24.01 4.94
C SER B 347 5.66 24.13 4.42
N LEU B 348 4.68 23.69 5.20
CA LEU B 348 3.29 23.76 4.79
C LEU B 348 2.83 25.22 4.65
N ALA B 349 3.23 26.07 5.59
CA ALA B 349 2.78 27.46 5.59
C ALA B 349 3.49 28.31 4.54
N PHE B 350 4.74 28.00 4.23
CA PHE B 350 5.56 28.81 3.33
C PHE B 350 5.78 28.13 1.98
N GLY B 351 4.78 27.42 1.49
CA GLY B 351 4.89 26.82 0.17
C GLY B 351 4.81 27.85 -0.94
N SER B 352 5.49 27.54 -2.04
CA SER B 352 5.56 28.42 -3.20
C SER B 352 6.11 29.80 -2.82
N VAL B 353 7.17 29.80 -2.03
CA VAL B 353 7.82 31.02 -1.56
C VAL B 353 9.32 30.89 -1.88
N ASP B 354 9.99 32.03 -1.93
CA ASP B 354 11.42 32.05 -2.20
C ASP B 354 12.15 31.20 -1.16
N PRO B 355 13.16 30.42 -1.58
CA PRO B 355 13.82 29.51 -0.63
C PRO B 355 14.53 30.20 0.52
N GLU B 356 14.81 31.50 0.41
CA GLU B 356 15.50 32.19 1.50
C GLU B 356 14.67 32.18 2.77
N LEU B 357 13.36 32.41 2.66
CA LEU B 357 12.50 32.47 3.84
C LEU B 357 12.44 31.12 4.53
N ILE B 358 12.21 30.05 3.76
CA ILE B 358 12.10 28.73 4.37
C ILE B 358 13.44 28.29 4.94
N ASN B 359 14.54 28.65 4.27
CA ASN B 359 15.86 28.33 4.81
C ASN B 359 16.11 29.03 6.14
N TRP B 360 15.76 30.31 6.24
CA TRP B 360 15.94 31.03 7.49
C TRP B 360 15.05 30.45 8.58
N ALA B 361 13.80 30.09 8.24
CA ALA B 361 12.92 29.50 9.22
C ALA B 361 13.47 28.17 9.73
N LYS B 362 13.99 27.34 8.83
CA LYS B 362 14.58 26.07 9.25
C LYS B 362 15.79 26.30 10.15
N LEU B 363 16.63 27.28 9.80
CA LEU B 363 17.80 27.57 10.63
C LEU B 363 17.39 27.98 12.03
N GLY B 364 16.42 28.89 12.12
CA GLY B 364 15.95 29.32 13.43
C GLY B 364 15.33 28.18 14.22
N ILE B 365 14.54 27.34 13.55
CA ILE B 365 13.90 26.21 14.23
C ILE B 365 14.94 25.26 14.80
N LEU B 366 15.97 24.94 14.00
CA LEU B 366 17.00 24.03 14.47
CA LEU B 366 16.98 24.02 14.49
C LEU B 366 17.76 24.62 15.66
N VAL B 367 18.09 25.91 15.58
CA VAL B 367 18.83 26.54 16.67
C VAL B 367 18.01 26.50 17.95
N GLY B 368 16.72 26.86 17.85
CA GLY B 368 15.86 26.86 19.03
C GLY B 368 15.68 25.47 19.60
N SER B 369 15.50 24.47 18.74
CA SER B 369 15.33 23.10 19.22
C SER B 369 16.58 22.61 19.94
N ILE B 370 17.76 22.85 19.37
CA ILE B 370 18.99 22.41 20.01
C ILE B 370 19.16 23.10 21.36
N SER B 371 18.94 24.41 21.41
CA SER B 371 19.10 25.14 22.66
C SER B 371 18.13 24.65 23.73
N SER B 372 16.86 24.45 23.35
CA SER B 372 15.88 23.98 24.31
C SER B 372 16.22 22.58 24.82
N ALA B 373 16.65 21.69 23.91
CA ALA B 373 17.00 20.34 24.33
C ALA B 373 18.17 20.35 25.29
N VAL B 374 19.21 21.13 25.00
CA VAL B 374 20.38 21.14 25.88
C VAL B 374 20.04 21.77 27.22
N ILE B 375 19.19 22.81 27.23
CA ILE B 375 18.80 23.43 28.50
C ILE B 375 17.99 22.45 29.34
N GLY B 376 17.05 21.73 28.70
CA GLY B 376 16.26 20.76 29.44
C GLY B 376 17.09 19.62 29.98
N TYR B 377 18.04 19.12 29.19
CA TYR B 377 18.92 18.06 29.68
C TYR B 377 19.86 18.55 30.76
N SER B 378 20.22 19.83 30.75
CA SER B 378 21.08 20.37 31.81
C SER B 378 20.34 20.56 33.13
N TRP B 379 19.08 20.99 33.08
CA TRP B 379 18.35 21.29 34.31
C TRP B 379 17.69 20.07 34.92
N LEU B 380 17.81 18.90 34.31
CA LEU B 380 17.33 17.67 34.92
C LEU B 380 18.30 17.11 35.94
N ARG B 381 19.32 17.88 36.32
CA ARG B 381 20.35 17.47 37.27
C ARG B 381 21.07 16.20 36.79
N VAL B 382 21.72 16.35 35.64
CA VAL B 382 22.49 15.29 34.96
C VAL B 382 21.88 13.90 35.11
#